data_3ZQ8
# 
_entry.id   3ZQ8 
# 
_audit_conform.dict_name       mmcif_pdbx.dic 
_audit_conform.dict_version    5.398 
_audit_conform.dict_location   http://mmcif.pdb.org/dictionaries/ascii/mmcif_pdbx.dic 
# 
loop_
_database_2.database_id 
_database_2.database_code 
_database_2.pdbx_database_accession 
_database_2.pdbx_DOI 
PDB   3ZQ8         pdb_00003zq8 10.2210/pdb3zq8/pdb 
PDBE  EBI-48031    ?            ?                   
WWPDB D_1290048031 ?            ?                   
# 
loop_
_pdbx_audit_revision_history.ordinal 
_pdbx_audit_revision_history.data_content_type 
_pdbx_audit_revision_history.major_revision 
_pdbx_audit_revision_history.minor_revision 
_pdbx_audit_revision_history.revision_date 
1 'Structure model' 1 0 2012-07-18 
2 'Structure model' 1 1 2013-07-24 
3 'Structure model' 1 2 2019-03-06 
4 'Structure model' 1 3 2023-03-29 
5 'Structure model' 2 0 2023-11-15 
6 'Structure model' 2 1 2024-02-07 
7 'Structure model' 2 2 2024-11-13 
# 
_pdbx_audit_revision_details.ordinal             1 
_pdbx_audit_revision_details.revision_ordinal    1 
_pdbx_audit_revision_details.data_content_type   'Structure model' 
_pdbx_audit_revision_details.provider            repository 
_pdbx_audit_revision_details.type                'Initial release' 
_pdbx_audit_revision_details.description         ? 
_pdbx_audit_revision_details.details             ? 
# 
loop_
_pdbx_audit_revision_group.ordinal 
_pdbx_audit_revision_group.revision_ordinal 
_pdbx_audit_revision_group.data_content_type 
_pdbx_audit_revision_group.group 
1  2 'Structure model' Other                      
2  3 'Structure model' 'Data collection'          
3  3 'Structure model' 'Derived calculations'     
4  3 'Structure model' 'Experimental preparation' 
5  3 'Structure model' Other                      
6  4 'Structure model' 'Database references'      
7  4 'Structure model' 'Derived calculations'     
8  4 'Structure model' Other                      
9  4 'Structure model' 'Structure summary'        
10 5 'Structure model' 'Atomic model'             
11 5 'Structure model' 'Data collection'          
12 5 'Structure model' 'Derived calculations'     
13 6 'Structure model' 'Refinement description'   
14 7 'Structure model' 'Structure summary'        
# 
loop_
_pdbx_audit_revision_category.ordinal 
_pdbx_audit_revision_category.revision_ordinal 
_pdbx_audit_revision_category.data_content_type 
_pdbx_audit_revision_category.category 
1  3 'Structure model' exptl_crystal_grow            
2  3 'Structure model' pdbx_database_proc            
3  3 'Structure model' pdbx_database_status          
4  3 'Structure model' struct_conn                   
5  4 'Structure model' audit_author                  
6  4 'Structure model' database_2                    
7  4 'Structure model' pdbx_database_status          
8  4 'Structure model' struct_site                   
9  5 'Structure model' atom_site                     
10 5 'Structure model' chem_comp_atom                
11 5 'Structure model' chem_comp_bond                
12 5 'Structure model' struct_conn                   
13 6 'Structure model' pdbx_initial_refinement_model 
14 7 'Structure model' pdbx_entry_details            
15 7 'Structure model' pdbx_modification_feature     
# 
loop_
_pdbx_audit_revision_item.ordinal 
_pdbx_audit_revision_item.revision_ordinal 
_pdbx_audit_revision_item.data_content_type 
_pdbx_audit_revision_item.item 
1  3 'Structure model' '_exptl_crystal_grow.method'                   
2  3 'Structure model' '_pdbx_database_status.recvd_author_approval'  
3  3 'Structure model' '_struct_conn.pdbx_leaving_atom_flag'          
4  4 'Structure model' '_audit_author.identifier_ORCID'               
5  4 'Structure model' '_database_2.pdbx_DOI'                         
6  4 'Structure model' '_database_2.pdbx_database_accession'          
7  4 'Structure model' '_pdbx_database_status.status_code_sf'         
8  4 'Structure model' '_struct_site.pdbx_auth_asym_id'               
9  4 'Structure model' '_struct_site.pdbx_auth_comp_id'               
10 4 'Structure model' '_struct_site.pdbx_auth_seq_id'                
11 5 'Structure model' '_atom_site.auth_atom_id'                      
12 5 'Structure model' '_atom_site.label_atom_id'                     
13 5 'Structure model' '_struct_conn.pdbx_leaving_atom_flag'          
14 7 'Structure model' '_pdbx_entry_details.has_protein_modification' 
# 
_pdbx_database_status.status_code                     REL 
_pdbx_database_status.entry_id                        3ZQ8 
_pdbx_database_status.deposit_site                    PDBE 
_pdbx_database_status.process_site                    PDBE 
_pdbx_database_status.SG_entry                        . 
_pdbx_database_status.recvd_initial_deposition_date   2011-06-08 
_pdbx_database_status.pdb_format_compatible           Y 
_pdbx_database_status.status_code_sf                  REL 
_pdbx_database_status.status_code_mr                  ? 
_pdbx_database_status.status_code_cs                  ? 
_pdbx_database_status.methods_development_category    ? 
_pdbx_database_status.status_code_nmr_data            ? 
# 
loop_
_pdbx_database_related.db_name 
_pdbx_database_related.db_id 
_pdbx_database_related.content_type 
_pdbx_database_related.details 
PDB 1NT6 unspecified 'F1-GRAMICIDIN C IN SODIUM DODECYL SULFATE MICELLES (NMR)' 
PDB 1JO3 unspecified 'GRAMICIDIN B IN SODIUM DODECYL SULFATE MICELLES (NMR)' 
PDB 1ALZ unspecified 'GRAMICIDIN D FROM BACILLUS BREVIS (ETHANOL SOLVATE)' 
PDB 1GRM unspecified 'GRAMICIDIN A (NMR, 5 STRUCTURES)' 
PDB 1JO4 unspecified 'GRAMICIDIN C IN SODIUM DODECYL SULFATE MICELLES (NMR)' 
PDB 1BDW unspecified 'GRAMICIDIN D FROM BACILLUS BREVIS (ACTIVE FORM)' 
PDB 1NRU unspecified 'GRAMICIDIN A IN DODECYL PHOSPHOCHOLINE MICELLES IN THEPRESENCE OF EXCESS NA+ (NMR)' 
PDB 1W5U unspecified 'GRAMICIDIN D FROM BACILLUS BREVIS (ETHANOL SOLVATE)' 
PDB 1TKQ unspecified 
'SOLUTION STRUCTURE OF A LINKED UNSYMMETRIC GRAMICIDIN IN AMEMBRANE-ISOELECTRICAL SOLVENTS MIXTURE IN THE PRESENCE OFCSCL' 
PDB 1MAG unspecified 'GRAMICIDIN A IN HYDRATED DMPC BILAYERS, SOLID STATE NMR' 
PDB 2IZQ unspecified 'GRAMICIDIN D COMPLEX WITH KI' 
PDB 1C4D unspecified 'GRAMICIDIN CSCL COMPLEX' 
PDB 1AV2 unspecified 'GRAMICIDIN A/CSCL COMPLEX, ACTIVE AS A DIMER' 
PDB 1KQE unspecified 'SOLUTION STRUCTURE OF A LINKED SHORTENED GRAMICIDIN A INBENZENE/ACETONE 10:1' 
PDB 1MIC unspecified 
'GRAMICIDIN A: LEFT-HANDED PARALLEL DOUBLE HELICAL FORM IN METHANOL IN THE PRESENCE OF CACL2, NMR, 20 STRUCTURES'          
PDB 1NT5 unspecified 'F1-GRAMICIDIN A IN SODIUM DODECYL SULFATE MICELLES (NMR)' 
PDB 1AL4 unspecified 'GRAMICIDIN D FROM BACILLUS BREVIS (N- PROPANOL SOLVATE)' 
PDB 1GMK unspecified 'GRAMICIDIN/KSCN COMPLEX' 
PDB 1NG8 unspecified 'G15-GRAMICIDIN A IN SODIUM DODECYL SULFATE MICELLES (NMR)' 
PDB 1NRM unspecified 'GRAMICIDIN A IN DODECYL PHOSPHOCHOLINE MICELLES (NMR)' 
PDB 1JNO unspecified 'GRAMICIDIN A IN SODIUM DODECYL SULFATE MICELLES (NMR)' 
PDB 1ALX unspecified 'GRAMICIDIN D FROM BACILLUS BREVIS (METHANOL SOLVATE)' 
PDB 2XDC unspecified 'STRUCTURE OF LINEAR GRAMICIDIN D OBTAINED USING TYPE I CRYSTALS GROWN IN A LIPID CUBIC PHASE.' 
PDB 2Y6N unspecified 
'STRUCTURE OF LINEAR GRAMICIDIN D OBTAINED USING TYPE I CRYSTALS GROWN IN A 8.8 MONOACYLGLYCEROL LIPID CUBIC PHASE.'       
PDB 2Y5M unspecified 
'STRUCTURE OF LINEAR GRAMICIDIN D OBTAINED USING TYPE I CRYSTALS GROWN IN A 7.7 MONOACYLGLYCEROL LIPID CUBIC PHASE.'       
# 
loop_
_audit_author.name 
_audit_author.pdbx_ordinal 
_audit_author.identifier_ORCID 
'Hoefer, N.'  1 ?                   
'Aragao, D.'  2 0000-0002-6551-4657 
'Caffrey, M.' 3 ?                   
# 
_citation.id                        primary 
_citation.title                     'Crystallization of Gramicidin from a Monovaccenin Lipidic Cubic Phase' 
_citation.journal_abbrev            'To be Published' 
_citation.journal_volume            ? 
_citation.page_first                ? 
_citation.page_last                 ? 
_citation.year                      ? 
_citation.journal_id_ASTM           ? 
_citation.country                   ? 
_citation.journal_id_ISSN           ? 
_citation.journal_id_CSD            0353 
_citation.book_publisher            ? 
_citation.pdbx_database_id_PubMed   ? 
_citation.pdbx_database_id_DOI      ? 
# 
loop_
_citation_author.citation_id 
_citation_author.name 
_citation_author.ordinal 
_citation_author.identifier_ORCID 
primary 'Hoefer, N.'  1 ? 
primary 'Aragao, D.'  2 ? 
primary 'Caffrey, M.' 3 ? 
# 
loop_
_entity.id 
_entity.type 
_entity.src_method 
_entity.pdbx_description 
_entity.formula_weight 
_entity.pdbx_number_of_molecules 
_entity.pdbx_ec 
_entity.pdbx_mutation 
_entity.pdbx_fragment 
_entity.details 
1 polymer     nat 'VAL-GRAMICIDIN A' 1882.294 4 ? ? ? ? 
2 non-polymer syn MONOVACCENIN       356.540  3 ? ? ? ? 
3 water       nat water              18.015   2 ? ? ? ? 
# 
_entity_name_com.entity_id   1 
_entity_name_com.name        'GRAMICIDIN D' 
# 
_entity_poly.entity_id                      1 
_entity_poly.type                           'polypeptide(L)' 
_entity_poly.nstd_linkage                   no 
_entity_poly.nstd_monomer                   yes 
_entity_poly.pdbx_seq_one_letter_code       '(FVA)GA(DLE)A(DVA)V(DVA)W(DLE)W(DLE)W(DLE)W(ETA)' 
_entity_poly.pdbx_seq_one_letter_code_can   VGALAVVVWLWLWLWX 
_entity_poly.pdbx_strand_id                 A,B,C,D 
_entity_poly.pdbx_target_identifier         ? 
# 
loop_
_pdbx_entity_nonpoly.entity_id 
_pdbx_entity_nonpoly.name 
_pdbx_entity_nonpoly.comp_id 
2 MONOVACCENIN MVC 
3 water        HOH 
# 
loop_
_entity_poly_seq.entity_id 
_entity_poly_seq.num 
_entity_poly_seq.mon_id 
_entity_poly_seq.hetero 
1 1  FVA n 
1 2  GLY n 
1 3  ALA n 
1 4  DLE n 
1 5  ALA n 
1 6  DVA n 
1 7  VAL n 
1 8  DVA n 
1 9  TRP n 
1 10 DLE n 
1 11 TRP n 
1 12 DLE n 
1 13 TRP n 
1 14 DLE n 
1 15 TRP n 
1 16 ETA n 
# 
_entity_src_nat.entity_id                  1 
_entity_src_nat.pdbx_src_id                1 
_entity_src_nat.pdbx_alt_source_flag       sample 
_entity_src_nat.pdbx_beg_seq_num           ? 
_entity_src_nat.pdbx_end_seq_num           ? 
_entity_src_nat.common_name                ? 
_entity_src_nat.pdbx_organism_scientific   'BREVIBACILLUS BREVIS' 
_entity_src_nat.pdbx_ncbi_taxonomy_id      1393 
_entity_src_nat.genus                      ? 
_entity_src_nat.species                    ? 
_entity_src_nat.strain                     ? 
_entity_src_nat.tissue                     ? 
_entity_src_nat.tissue_fraction            ? 
_entity_src_nat.pdbx_secretion             ? 
_entity_src_nat.pdbx_fragment              ? 
_entity_src_nat.pdbx_variant               ? 
_entity_src_nat.pdbx_cell_line             ? 
_entity_src_nat.pdbx_atcc                  8246 
_entity_src_nat.pdbx_cellular_location     ? 
_entity_src_nat.pdbx_organ                 ? 
_entity_src_nat.pdbx_organelle             ? 
_entity_src_nat.pdbx_cell                  ? 
_entity_src_nat.pdbx_plasmid_name          ? 
_entity_src_nat.pdbx_plasmid_details       ? 
_entity_src_nat.details                    ? 
# 
loop_
_chem_comp.id 
_chem_comp.type 
_chem_comp.mon_nstd_flag 
_chem_comp.name 
_chem_comp.pdbx_synonyms 
_chem_comp.formula 
_chem_comp.formula_weight 
ALA 'L-peptide linking'               y ALANINE           ?          'C3 H7 N O2'    89.093  
DLE 'D-peptide linking'               . D-LEUCINE         ?          'C6 H13 N O2'   131.173 
DVA 'D-peptide linking'               . D-VALINE          ?          'C5 H11 N O2'   117.146 
ETA 'L-peptide COOH carboxy terminus' . ETHANOLAMINE      ?          'C2 H7 N O'     61.083  
FVA 'L-peptide linking'               n N-formyl-L-valine ?          'C6 H11 N O3'   145.156 
GLY 'peptide linking'                 y GLYCINE           ?          'C2 H5 N O2'    75.067  
HOH non-polymer                       . WATER             ?          'H2 O'          18.015  
MVC non-polymer                       . MONOVACCENIN      '11.7 MAG' 'C21 H40 O4'    356.540 
TRP 'L-peptide linking'               y TRYPTOPHAN        ?          'C11 H12 N2 O2' 204.225 
VAL 'L-peptide linking'               y VALINE            ?          'C5 H11 N O2'   117.146 
# 
loop_
_pdbx_poly_seq_scheme.asym_id 
_pdbx_poly_seq_scheme.entity_id 
_pdbx_poly_seq_scheme.seq_id 
_pdbx_poly_seq_scheme.mon_id 
_pdbx_poly_seq_scheme.ndb_seq_num 
_pdbx_poly_seq_scheme.pdb_seq_num 
_pdbx_poly_seq_scheme.auth_seq_num 
_pdbx_poly_seq_scheme.pdb_mon_id 
_pdbx_poly_seq_scheme.auth_mon_id 
_pdbx_poly_seq_scheme.pdb_strand_id 
_pdbx_poly_seq_scheme.pdb_ins_code 
_pdbx_poly_seq_scheme.hetero 
A 1 1  FVA 1  1  1  FVA FVA A . n 
A 1 2  GLY 2  2  2  GLY GLY A . n 
A 1 3  ALA 3  3  3  ALA ALA A . n 
A 1 4  DLE 4  4  4  DLE DLE A . n 
A 1 5  ALA 5  5  5  ALA ALA A . n 
A 1 6  DVA 6  6  6  DVA DVA A . n 
A 1 7  VAL 7  7  7  VAL VAL A . n 
A 1 8  DVA 8  8  8  DVA DVA A . n 
A 1 9  TRP 9  9  9  TRP TRP A . n 
A 1 10 DLE 10 10 10 DLE DLE A . n 
A 1 11 TRP 11 11 11 TRP TRP A . n 
A 1 12 DLE 12 12 12 DLE DLE A . n 
A 1 13 TRP 13 13 13 TRP TRP A . n 
A 1 14 DLE 14 14 14 DLE DLE A . n 
A 1 15 TRP 15 15 15 TRP TRP A . n 
A 1 16 ETA 16 16 16 ETA ETA A . n 
B 1 1  FVA 1  1  1  FVA FVA B . n 
B 1 2  GLY 2  2  2  GLY GLY B . n 
B 1 3  ALA 3  3  3  ALA ALA B . n 
B 1 4  DLE 4  4  4  DLE DLE B . n 
B 1 5  ALA 5  5  5  ALA ALA B . n 
B 1 6  DVA 6  6  6  DVA DVA B . n 
B 1 7  VAL 7  7  7  VAL VAL B . n 
B 1 8  DVA 8  8  8  DVA DVA B . n 
B 1 9  TRP 9  9  9  TRP TRP B . n 
B 1 10 DLE 10 10 10 DLE DLE B . n 
B 1 11 TRP 11 11 11 TRP TRP B . n 
B 1 12 DLE 12 12 12 DLE DLE B . n 
B 1 13 TRP 13 13 13 TRP TRP B . n 
B 1 14 DLE 14 14 14 DLE DLE B . n 
B 1 15 TRP 15 15 15 TRP TRP B . n 
B 1 16 ETA 16 16 16 ETA ETA B . n 
C 1 1  FVA 1  1  1  FVA FVA C . n 
C 1 2  GLY 2  2  2  GLY GLY C . n 
C 1 3  ALA 3  3  3  ALA ALA C . n 
C 1 4  DLE 4  4  4  DLE DLE C . n 
C 1 5  ALA 5  5  5  ALA ALA C . n 
C 1 6  DVA 6  6  6  DVA DVA C . n 
C 1 7  VAL 7  7  7  VAL VAL C . n 
C 1 8  DVA 8  8  8  DVA DVA C . n 
C 1 9  TRP 9  9  9  TRP TRP C . n 
C 1 10 DLE 10 10 10 DLE DLE C . n 
C 1 11 TRP 11 11 11 TRP TRP C . n 
C 1 12 DLE 12 12 12 DLE DLE C . n 
C 1 13 TRP 13 13 13 TRP TRP C . n 
C 1 14 DLE 14 14 14 DLE DLE C . n 
C 1 15 TRP 15 15 15 TRP TRP C . n 
C 1 16 ETA 16 16 16 ETA ETA C . n 
D 1 1  FVA 1  1  1  FVA FVA D . n 
D 1 2  GLY 2  2  2  GLY GLY D . n 
D 1 3  ALA 3  3  3  ALA ALA D . n 
D 1 4  DLE 4  4  4  DLE DLE D . n 
D 1 5  ALA 5  5  5  ALA ALA D . n 
D 1 6  DVA 6  6  6  DVA DVA D . n 
D 1 7  VAL 7  7  7  VAL VAL D . n 
D 1 8  DVA 8  8  8  DVA DVA D . n 
D 1 9  TRP 9  9  9  TRP TRP D . n 
D 1 10 DLE 10 10 10 DLE DLE D . n 
D 1 11 TRP 11 11 11 TRP TRP D . n 
D 1 12 DLE 12 12 12 DLE DLE D . n 
D 1 13 TRP 13 13 13 TRP TRP D . n 
D 1 14 DLE 14 14 14 DLE DLE D . n 
D 1 15 TRP 15 15 15 TRP TRP D . n 
D 1 16 ETA 16 16 16 ETA ETA D . n 
# 
loop_
_pdbx_nonpoly_scheme.asym_id 
_pdbx_nonpoly_scheme.entity_id 
_pdbx_nonpoly_scheme.mon_id 
_pdbx_nonpoly_scheme.ndb_seq_num 
_pdbx_nonpoly_scheme.pdb_seq_num 
_pdbx_nonpoly_scheme.auth_seq_num 
_pdbx_nonpoly_scheme.pdb_mon_id 
_pdbx_nonpoly_scheme.auth_mon_id 
_pdbx_nonpoly_scheme.pdb_strand_id 
_pdbx_nonpoly_scheme.pdb_ins_code 
E 2 MVC 1 1016 1016 MVC MVC C . 
F 2 MVC 1 1017 1017 MVC MVC C . 
G 2 MVC 1 1018 1018 MVC MVC C . 
H 3 HOH 1 2001 2001 HOH HOH C . 
H 3 HOH 2 2002 2002 HOH HOH C . 
# 
loop_
_pdbx_unobs_or_zero_occ_atoms.id 
_pdbx_unobs_or_zero_occ_atoms.PDB_model_num 
_pdbx_unobs_or_zero_occ_atoms.polymer_flag 
_pdbx_unobs_or_zero_occ_atoms.occupancy_flag 
_pdbx_unobs_or_zero_occ_atoms.auth_asym_id 
_pdbx_unobs_or_zero_occ_atoms.auth_comp_id 
_pdbx_unobs_or_zero_occ_atoms.auth_seq_id 
_pdbx_unobs_or_zero_occ_atoms.PDB_ins_code 
_pdbx_unobs_or_zero_occ_atoms.auth_atom_id 
_pdbx_unobs_or_zero_occ_atoms.label_alt_id 
_pdbx_unobs_or_zero_occ_atoms.label_asym_id 
_pdbx_unobs_or_zero_occ_atoms.label_comp_id 
_pdbx_unobs_or_zero_occ_atoms.label_seq_id 
_pdbx_unobs_or_zero_occ_atoms.label_atom_id 
1  1 N 1 C MVC 1016 ? C18 ? E MVC 1 C18 
2  1 N 1 C MVC 1016 ? C19 ? E MVC 1 C19 
3  1 N 1 C MVC 1017 ? C17 ? F MVC 1 C17 
4  1 N 1 C MVC 1017 ? C9  ? F MVC 1 C9  
5  1 N 1 C MVC 1017 ? C8  ? F MVC 1 C8  
6  1 N 1 C MVC 1017 ? C16 ? F MVC 1 C16 
7  1 N 1 C MVC 1017 ? C10 ? F MVC 1 C10 
8  1 N 1 C MVC 1017 ? C7  ? F MVC 1 C7  
9  1 N 1 C MVC 1017 ? C15 ? F MVC 1 C15 
10 1 N 1 C MVC 1017 ? C11 ? F MVC 1 C11 
11 1 N 1 C MVC 1017 ? C6  ? F MVC 1 C6  
12 1 N 1 C MVC 1017 ? C14 ? F MVC 1 C14 
13 1 N 1 C MVC 1017 ? C12 ? F MVC 1 C12 
14 1 N 1 C MVC 1017 ? C13 ? F MVC 1 C13 
15 1 N 1 C MVC 1017 ? C18 ? F MVC 1 C18 
16 1 N 1 C MVC 1017 ? C19 ? F MVC 1 C19 
17 1 N 1 C MVC 1018 ? C17 ? G MVC 1 C17 
18 1 N 1 C MVC 1018 ? C9  ? G MVC 1 C9  
19 1 N 1 C MVC 1018 ? C8  ? G MVC 1 C8  
20 1 N 1 C MVC 1018 ? C16 ? G MVC 1 C16 
21 1 N 1 C MVC 1018 ? C10 ? G MVC 1 C10 
22 1 N 1 C MVC 1018 ? C7  ? G MVC 1 C7  
23 1 N 1 C MVC 1018 ? C15 ? G MVC 1 C15 
24 1 N 1 C MVC 1018 ? C11 ? G MVC 1 C11 
25 1 N 1 C MVC 1018 ? C6  ? G MVC 1 C6  
26 1 N 1 C MVC 1018 ? C14 ? G MVC 1 C14 
27 1 N 1 C MVC 1018 ? C12 ? G MVC 1 C12 
28 1 N 1 C MVC 1018 ? C5  ? G MVC 1 C5  
29 1 N 1 C MVC 1018 ? C13 ? G MVC 1 C13 
30 1 N 1 C MVC 1018 ? C18 ? G MVC 1 C18 
31 1 N 1 C MVC 1018 ? C19 ? G MVC 1 C19 
# 
loop_
_software.name 
_software.classification 
_software.version 
_software.citation_id 
_software.pdbx_ordinal 
REFMAC   refinement       5.5.0109 ? 1 
HKL-2000 'data reduction' .        ? 2 
HKL-2000 'data scaling'   .        ? 3 
PHASER   phasing          .        ? 4 
# 
_cell.entry_id           3ZQ8 
_cell.length_a           23.960 
_cell.length_b           41.981 
_cell.length_c           32.429 
_cell.angle_alpha        90.00 
_cell.angle_beta         107.25 
_cell.angle_gamma        90.00 
_cell.Z_PDB              8 
_cell.pdbx_unique_axis   ? 
# 
_symmetry.entry_id                         3ZQ8 
_symmetry.space_group_name_H-M             'P 1 21 1' 
_symmetry.pdbx_full_space_group_name_H-M   ? 
_symmetry.cell_setting                     ? 
_symmetry.Int_Tables_number                4 
# 
_exptl.entry_id          3ZQ8 
_exptl.method            'X-RAY DIFFRACTION' 
_exptl.crystals_number   1 
# 
_exptl_crystal.id                    1 
_exptl_crystal.density_meas          ? 
_exptl_crystal.density_Matthews      2.3 
_exptl_crystal.density_percent_sol   40.6 
_exptl_crystal.description           NONE 
# 
_exptl_crystal_grow.crystal_id      1 
_exptl_crystal_grow.method          'LIPIDIC CUBIC PHASE' 
_exptl_crystal_grow.temp            ? 
_exptl_crystal_grow.temp_details    ? 
_exptl_crystal_grow.pH              8.5 
_exptl_crystal_grow.pdbx_pH_range   ? 
_exptl_crystal_grow.pdbx_details    
'1M LITHIUM SULFATE, 10 MM NICKEL CHLORIDE, 0.1 M TRIS HCL, PH 8.5, LIPIDIC CUBIC PHASE OF MONOVACCENIN (11.7 MAG)' 
# 
_diffrn.id                     1 
_diffrn.ambient_temp           100 
_diffrn.ambient_temp_details   ? 
_diffrn.crystal_id             1 
# 
_diffrn_detector.diffrn_id              1 
_diffrn_detector.detector               CCD 
_diffrn_detector.type                   'ADSC QUANTUM 315r' 
_diffrn_detector.pdbx_collection_date   2009-10-04 
_diffrn_detector.details                'TOROIDAL MIRROR' 
# 
_diffrn_radiation.diffrn_id                        1 
_diffrn_radiation.wavelength_id                    1 
_diffrn_radiation.pdbx_monochromatic_or_laue_m_l   M 
_diffrn_radiation.monochromator                    'CHANNEL-CUT DOUBLE-CRYSTAL SILICON 111' 
_diffrn_radiation.pdbx_diffrn_protocol             'SINGLE WAVELENGTH' 
_diffrn_radiation.pdbx_scattering_type             x-ray 
# 
_diffrn_radiation_wavelength.id           1 
_diffrn_radiation_wavelength.wavelength   0.93950 
_diffrn_radiation_wavelength.wt           1.0 
# 
_diffrn_source.diffrn_id                   1 
_diffrn_source.source                      SYNCHROTRON 
_diffrn_source.type                        'ESRF BEAMLINE ID14-4' 
_diffrn_source.pdbx_synchrotron_site       ESRF 
_diffrn_source.pdbx_synchrotron_beamline   ID14-4 
_diffrn_source.pdbx_wavelength             0.93950 
_diffrn_source.pdbx_wavelength_list        ? 
# 
_reflns.pdbx_diffrn_id               1 
_reflns.pdbx_ordinal                 1 
_reflns.entry_id                     3ZQ8 
_reflns.observed_criterion_sigma_I   2.0 
_reflns.observed_criterion_sigma_F   ? 
_reflns.d_resolution_low             22.90 
_reflns.d_resolution_high            1.70 
_reflns.number_obs                   6612 
_reflns.number_all                   ? 
_reflns.percent_possible_obs         96.9 
_reflns.pdbx_Rmerge_I_obs            0.05 
_reflns.pdbx_Rsym_value              ? 
_reflns.pdbx_netI_over_sigmaI        23.00 
_reflns.B_iso_Wilson_estimate        15.8 
_reflns.pdbx_redundancy              4.7 
# 
_reflns_shell.pdbx_diffrn_id         1 
_reflns_shell.pdbx_ordinal           1 
_reflns_shell.d_res_high             1.70 
_reflns_shell.d_res_low              1.75 
_reflns_shell.percent_possible_all   78.9 
_reflns_shell.Rmerge_I_obs           0.25 
_reflns_shell.pdbx_Rsym_value        ? 
_reflns_shell.meanI_over_sigI_obs    5.00 
_reflns_shell.pdbx_redundancy        3.9 
# 
_refine.pdbx_refine_id                           'X-RAY DIFFRACTION' 
_refine.entry_id                                 3ZQ8 
_refine.pdbx_diffrn_id                           1 
_refine.pdbx_TLS_residual_ADP_flag               ? 
_refine.ls_number_reflns_obs                     6306 
_refine.ls_number_reflns_all                     ? 
_refine.pdbx_ls_sigma_I                          ? 
_refine.pdbx_ls_sigma_F                          . 
_refine.pdbx_data_cutoff_high_absF               ? 
_refine.pdbx_data_cutoff_low_absF                ? 
_refine.pdbx_data_cutoff_high_rms_absF           ? 
_refine.ls_d_res_low                             22.88 
_refine.ls_d_res_high                            1.70 
_refine.ls_percent_reflns_obs                    96.89 
_refine.ls_R_factor_obs                          0.16823 
_refine.ls_R_factor_all                          ? 
_refine.ls_R_factor_R_work                       0.16622 
_refine.ls_R_factor_R_free                       0.21118 
_refine.ls_R_factor_R_free_error                 ? 
_refine.ls_R_factor_R_free_error_details         ? 
_refine.ls_percent_reflns_R_free                 4.6 
_refine.ls_number_reflns_R_free                  306 
_refine.ls_number_parameters                     ? 
_refine.ls_number_restraints                     ? 
_refine.occupancy_min                            ? 
_refine.occupancy_max                            ? 
_refine.correlation_coeff_Fo_to_Fc               0.963 
_refine.correlation_coeff_Fo_to_Fc_free          0.924 
_refine.B_iso_mean                               17.281 
_refine.aniso_B[1][1]                            0.02 
_refine.aniso_B[2][2]                            0.00 
_refine.aniso_B[3][3]                            -0.05 
_refine.aniso_B[1][2]                            0.00 
_refine.aniso_B[1][3]                            -0.03 
_refine.aniso_B[2][3]                            0.00 
_refine.solvent_model_details                    MASK 
_refine.solvent_model_param_ksol                 ? 
_refine.solvent_model_param_bsol                 ? 
_refine.pdbx_solvent_vdw_probe_radii             1.40 
_refine.pdbx_solvent_ion_probe_radii             0.80 
_refine.pdbx_solvent_shrinkage_radii             0.80 
_refine.pdbx_ls_cross_valid_method               THROUGHOUT 
_refine.details                                  'HYDROGENS HAVE BEEN ADDED IN THE RIDING POSITIONS.' 
_refine.pdbx_starting_model                      'PDB ENTRY 2XDC' 
_refine.pdbx_method_to_determine_struct          'MOLECULAR REPLACEMENT' 
_refine.pdbx_isotropic_thermal_model             ? 
_refine.pdbx_stereochemistry_target_values       'MAXIMUM LIKELIHOOD' 
_refine.pdbx_stereochem_target_val_spec_case     ? 
_refine.pdbx_R_Free_selection_details            RANDOM 
_refine.pdbx_overall_ESU_R                       0.119 
_refine.pdbx_overall_ESU_R_Free                  0.117 
_refine.overall_SU_ML                            0.066 
_refine.pdbx_overall_phase_error                 ? 
_refine.overall_SU_B                             1.994 
_refine.overall_SU_R_Cruickshank_DPI             ? 
_refine.pdbx_overall_SU_R_free_Cruickshank_DPI   ? 
_refine.pdbx_overall_SU_R_Blow_DPI               ? 
_refine.pdbx_overall_SU_R_free_Blow_DPI          ? 
# 
_refine_hist.pdbx_refine_id                   'X-RAY DIFFRACTION' 
_refine_hist.cycle_id                         LAST 
_refine_hist.pdbx_number_atoms_protein        544 
_refine_hist.pdbx_number_atoms_nucleic_acid   0 
_refine_hist.pdbx_number_atoms_ligand         44 
_refine_hist.number_atoms_solvent             2 
_refine_hist.number_atoms_total               590 
_refine_hist.d_res_high                       1.70 
_refine_hist.d_res_low                        22.88 
# 
loop_
_refine_ls_restr.type 
_refine_ls_restr.dev_ideal 
_refine_ls_restr.dev_ideal_target 
_refine_ls_restr.weight 
_refine_ls_restr.number 
_refine_ls_restr.pdbx_refine_id 
_refine_ls_restr.pdbx_restraint_function 
r_bond_refined_d             0.019  0.022  ? 664 'X-RAY DIFFRACTION' ? 
r_bond_other_d               ?      ?      ? ?   'X-RAY DIFFRACTION' ? 
r_angle_refined_deg          1.828  1.904  ? 906 'X-RAY DIFFRACTION' ? 
r_angle_other_deg            ?      ?      ? ?   'X-RAY DIFFRACTION' ? 
r_dihedral_angle_1_deg       5.934  5.000  ? 64  'X-RAY DIFFRACTION' ? 
r_dihedral_angle_2_deg       28.113 20.000 ? 18  'X-RAY DIFFRACTION' ? 
r_dihedral_angle_3_deg       13.357 15.000 ? 27  'X-RAY DIFFRACTION' ? 
r_dihedral_angle_4_deg       ?      ?      ? ?   'X-RAY DIFFRACTION' ? 
r_chiral_restr               0.158  0.200  ? 101 'X-RAY DIFFRACTION' ? 
r_gen_planes_refined         0.017  0.020  ? 440 'X-RAY DIFFRACTION' ? 
r_gen_planes_other           ?      ?      ? ?   'X-RAY DIFFRACTION' ? 
r_nbd_refined                ?      ?      ? ?   'X-RAY DIFFRACTION' ? 
r_nbd_other                  ?      ?      ? ?   'X-RAY DIFFRACTION' ? 
r_nbtor_refined              ?      ?      ? ?   'X-RAY DIFFRACTION' ? 
r_nbtor_other                ?      ?      ? ?   'X-RAY DIFFRACTION' ? 
r_xyhbond_nbd_refined        ?      ?      ? ?   'X-RAY DIFFRACTION' ? 
r_xyhbond_nbd_other          ?      ?      ? ?   'X-RAY DIFFRACTION' ? 
r_metal_ion_refined          ?      ?      ? ?   'X-RAY DIFFRACTION' ? 
r_metal_ion_other            ?      ?      ? ?   'X-RAY DIFFRACTION' ? 
r_symmetry_vdw_refined       ?      ?      ? ?   'X-RAY DIFFRACTION' ? 
r_symmetry_vdw_other         ?      ?      ? ?   'X-RAY DIFFRACTION' ? 
r_symmetry_hbond_refined     ?      ?      ? ?   'X-RAY DIFFRACTION' ? 
r_symmetry_hbond_other       ?      ?      ? ?   'X-RAY DIFFRACTION' ? 
r_symmetry_metal_ion_refined ?      ?      ? ?   'X-RAY DIFFRACTION' ? 
r_symmetry_metal_ion_other   ?      ?      ? ?   'X-RAY DIFFRACTION' ? 
r_mcbond_it                  1.646  1.500  ? 337 'X-RAY DIFFRACTION' ? 
r_mcbond_other               ?      ?      ? ?   'X-RAY DIFFRACTION' ? 
r_mcangle_it                 2.600  2.000  ? 521 'X-RAY DIFFRACTION' ? 
r_mcangle_other              ?      ?      ? ?   'X-RAY DIFFRACTION' ? 
r_scbond_it                  3.480  3.000  ? 327 'X-RAY DIFFRACTION' ? 
r_scbond_other               ?      ?      ? ?   'X-RAY DIFFRACTION' ? 
r_scangle_it                 5.062  4.500  ? 382 'X-RAY DIFFRACTION' ? 
r_scangle_other              ?      ?      ? ?   'X-RAY DIFFRACTION' ? 
r_long_range_B_refined       ?      ?      ? ?   'X-RAY DIFFRACTION' ? 
r_long_range_B_other         ?      ?      ? ?   'X-RAY DIFFRACTION' ? 
r_rigid_bond_restr           ?      ?      ? ?   'X-RAY DIFFRACTION' ? 
r_sphericity_free            ?      ?      ? ?   'X-RAY DIFFRACTION' ? 
r_sphericity_bonded          ?      ?      ? ?   'X-RAY DIFFRACTION' ? 
# 
_refine_ls_shell.pdbx_refine_id                   'X-RAY DIFFRACTION' 
_refine_ls_shell.pdbx_total_number_of_bins_used   20 
_refine_ls_shell.d_res_high                       1.701 
_refine_ls_shell.d_res_low                        1.745 
_refine_ls_shell.number_reflns_R_work             352 
_refine_ls_shell.R_factor_R_work                  0.200 
_refine_ls_shell.percent_reflns_obs               78.91 
_refine_ls_shell.R_factor_R_free                  0.242 
_refine_ls_shell.R_factor_R_free_error            ? 
_refine_ls_shell.percent_reflns_R_free            ? 
_refine_ls_shell.number_reflns_R_free             26 
_refine_ls_shell.number_reflns_all                ? 
_refine_ls_shell.R_factor_all                     ? 
# 
_struct_ncs_oper.id             1 
_struct_ncs_oper.code           given 
_struct_ncs_oper.details        ? 
_struct_ncs_oper.matrix[1][1]   0.44900364 
_struct_ncs_oper.matrix[1][2]   0.89148430 
_struct_ncs_oper.matrix[1][3]   0.06051675 
_struct_ncs_oper.matrix[2][1]   0.89348334 
_struct_ncs_oper.matrix[2][2]   -0.44727334 
_struct_ncs_oper.matrix[2][3]   -0.04035632 
_struct_ncs_oper.matrix[3][1]   -0.00890442 
_struct_ncs_oper.matrix[3][2]   0.07218302 
_struct_ncs_oper.matrix[3][3]   -0.99735030 
_struct_ncs_oper.vector[1]      0.72789 
_struct_ncs_oper.vector[2]      0.94099 
_struct_ncs_oper.vector[3]      -0.49564 
# 
_struct.entry_id                  3ZQ8 
_struct.title                     
'STRUCTURE OF LINEAR GRAMICIDIN D OBTAINED USING TYPE I CRYSTALS GROWN IN A monovaccenin LIPID CUBIC PHASE' 
_struct.pdbx_model_details        ? 
_struct.pdbx_CASP_flag            ? 
_struct.pdbx_model_type_details   ? 
# 
_struct_keywords.entry_id        3ZQ8 
_struct_keywords.pdbx_keywords   ANTIBIOTIC 
_struct_keywords.text            'ANTIBIOTIC, ION CHANNEL, MESOPHASE' 
# 
loop_
_struct_asym.id 
_struct_asym.pdbx_blank_PDB_chainid_flag 
_struct_asym.pdbx_modified 
_struct_asym.entity_id 
_struct_asym.details 
A N N 1 ? 
B N N 1 ? 
C N N 1 ? 
D N N 1 ? 
E N N 2 ? 
F N N 2 ? 
G N N 2 ? 
H N N 3 ? 
# 
_struct_ref.id                         1 
_struct_ref.db_name                    NOR 
_struct_ref.db_code                    NOR00243 
_struct_ref.entity_id                  1 
_struct_ref.pdbx_seq_one_letter_code   ? 
_struct_ref.pdbx_align_begin           ? 
_struct_ref.pdbx_db_accession          NOR00243 
_struct_ref.pdbx_db_isoform            ? 
# 
loop_
_struct_ref_seq.align_id 
_struct_ref_seq.ref_id 
_struct_ref_seq.pdbx_PDB_id_code 
_struct_ref_seq.pdbx_strand_id 
_struct_ref_seq.seq_align_beg 
_struct_ref_seq.pdbx_seq_align_beg_ins_code 
_struct_ref_seq.seq_align_end 
_struct_ref_seq.pdbx_seq_align_end_ins_code 
_struct_ref_seq.pdbx_db_accession 
_struct_ref_seq.db_align_beg 
_struct_ref_seq.pdbx_db_align_beg_ins_code 
_struct_ref_seq.db_align_end 
_struct_ref_seq.pdbx_db_align_end_ins_code 
_struct_ref_seq.pdbx_auth_seq_align_beg 
_struct_ref_seq.pdbx_auth_seq_align_end 
1 1 3ZQ8 A 1 ? 16 ? NOR00243 1 ? 16 ? 1 16 
2 1 3ZQ8 B 1 ? 16 ? NOR00243 1 ? 16 ? 1 16 
3 1 3ZQ8 C 1 ? 16 ? NOR00243 1 ? 16 ? 1 16 
4 1 3ZQ8 D 1 ? 16 ? NOR00243 1 ? 16 ? 1 16 
# 
_pdbx_struct_assembly.id                   1 
_pdbx_struct_assembly.details              author_and_software_defined_assembly 
_pdbx_struct_assembly.method_details       PISA 
_pdbx_struct_assembly.oligomeric_details   tetrameric 
_pdbx_struct_assembly.oligomeric_count     4 
# 
loop_
_pdbx_struct_assembly_prop.biol_id 
_pdbx_struct_assembly_prop.type 
_pdbx_struct_assembly_prop.value 
_pdbx_struct_assembly_prop.details 
1 'ABSA (A^2)' 7450  ? 
1 MORE         -55.2 ? 
1 'SSA (A^2)'  4610  ? 
# 
_pdbx_struct_assembly_gen.assembly_id       1 
_pdbx_struct_assembly_gen.oper_expression   1 
_pdbx_struct_assembly_gen.asym_id_list      A,B,C,D,E,F,G,H 
# 
_pdbx_struct_oper_list.id                   1 
_pdbx_struct_oper_list.type                 'identity operation' 
_pdbx_struct_oper_list.name                 1_555 
_pdbx_struct_oper_list.symmetry_operation   x,y,z 
_pdbx_struct_oper_list.matrix[1][1]         1.0000000000 
_pdbx_struct_oper_list.matrix[1][2]         0.0000000000 
_pdbx_struct_oper_list.matrix[1][3]         0.0000000000 
_pdbx_struct_oper_list.vector[1]            0.0000000000 
_pdbx_struct_oper_list.matrix[2][1]         0.0000000000 
_pdbx_struct_oper_list.matrix[2][2]         1.0000000000 
_pdbx_struct_oper_list.matrix[2][3]         0.0000000000 
_pdbx_struct_oper_list.vector[2]            0.0000000000 
_pdbx_struct_oper_list.matrix[3][1]         0.0000000000 
_pdbx_struct_oper_list.matrix[3][2]         0.0000000000 
_pdbx_struct_oper_list.matrix[3][3]         1.0000000000 
_pdbx_struct_oper_list.vector[3]            0.0000000000 
# 
loop_
_struct_conn.id 
_struct_conn.conn_type_id 
_struct_conn.pdbx_leaving_atom_flag 
_struct_conn.pdbx_PDB_id 
_struct_conn.ptnr1_label_asym_id 
_struct_conn.ptnr1_label_comp_id 
_struct_conn.ptnr1_label_seq_id 
_struct_conn.ptnr1_label_atom_id 
_struct_conn.pdbx_ptnr1_label_alt_id 
_struct_conn.pdbx_ptnr1_PDB_ins_code 
_struct_conn.pdbx_ptnr1_standard_comp_id 
_struct_conn.ptnr1_symmetry 
_struct_conn.ptnr2_label_asym_id 
_struct_conn.ptnr2_label_comp_id 
_struct_conn.ptnr2_label_seq_id 
_struct_conn.ptnr2_label_atom_id 
_struct_conn.pdbx_ptnr2_label_alt_id 
_struct_conn.pdbx_ptnr2_PDB_ins_code 
_struct_conn.ptnr1_auth_asym_id 
_struct_conn.ptnr1_auth_comp_id 
_struct_conn.ptnr1_auth_seq_id 
_struct_conn.ptnr2_auth_asym_id 
_struct_conn.ptnr2_auth_comp_id 
_struct_conn.ptnr2_auth_seq_id 
_struct_conn.ptnr2_symmetry 
_struct_conn.pdbx_ptnr3_label_atom_id 
_struct_conn.pdbx_ptnr3_label_seq_id 
_struct_conn.pdbx_ptnr3_label_comp_id 
_struct_conn.pdbx_ptnr3_label_asym_id 
_struct_conn.pdbx_ptnr3_label_alt_id 
_struct_conn.pdbx_ptnr3_PDB_ins_code 
_struct_conn.details 
_struct_conn.pdbx_dist_value 
_struct_conn.pdbx_value_order 
_struct_conn.pdbx_role 
covale1  covale both ? A FVA 1  C ? ? ? 1_555 A GLY 2  N ? ? A FVA 1  A GLY 2  1_555 ? ? ? ? ? ? ? 1.330 ? ? 
covale2  covale both ? A ALA 3  C ? ? ? 1_555 A DLE 4  N ? ? A ALA 3  A DLE 4  1_555 ? ? ? ? ? ? ? 1.335 ? ? 
covale3  covale both ? A DLE 4  C ? ? ? 1_555 A ALA 5  N ? ? A DLE 4  A ALA 5  1_555 ? ? ? ? ? ? ? 1.330 ? ? 
covale4  covale both ? A ALA 5  C ? ? ? 1_555 A DVA 6  N ? ? A ALA 5  A DVA 6  1_555 ? ? ? ? ? ? ? 1.330 ? ? 
covale5  covale both ? A DVA 6  C ? ? ? 1_555 A VAL 7  N ? ? A DVA 6  A VAL 7  1_555 ? ? ? ? ? ? ? 1.321 ? ? 
covale6  covale both ? A VAL 7  C ? ? ? 1_555 A DVA 8  N ? ? A VAL 7  A DVA 8  1_555 ? ? ? ? ? ? ? 1.335 ? ? 
covale7  covale both ? A DVA 8  C ? ? ? 1_555 A TRP 9  N ? ? A DVA 8  A TRP 9  1_555 ? ? ? ? ? ? ? 1.354 ? ? 
covale8  covale both ? A TRP 9  C ? ? ? 1_555 A DLE 10 N ? ? A TRP 9  A DLE 10 1_555 ? ? ? ? ? ? ? 1.329 ? ? 
covale9  covale both ? A DLE 10 C ? ? ? 1_555 A TRP 11 N ? ? A DLE 10 A TRP 11 1_555 ? ? ? ? ? ? ? 1.339 ? ? 
covale10 covale both ? A TRP 11 C ? ? ? 1_555 A DLE 12 N ? ? A TRP 11 A DLE 12 1_555 ? ? ? ? ? ? ? 1.335 ? ? 
covale11 covale both ? A DLE 12 C ? ? ? 1_555 A TRP 13 N ? ? A DLE 12 A TRP 13 1_555 ? ? ? ? ? ? ? 1.331 ? ? 
covale12 covale both ? A TRP 13 C ? ? ? 1_555 A DLE 14 N ? ? A TRP 13 A DLE 14 1_555 ? ? ? ? ? ? ? 1.324 ? ? 
covale13 covale both ? A DLE 14 C ? ? ? 1_555 A TRP 15 N ? ? A DLE 14 A TRP 15 1_555 ? ? ? ? ? ? ? 1.333 ? ? 
covale14 covale both ? A TRP 15 C ? ? ? 1_555 A ETA 16 N ? ? A TRP 15 A ETA 16 1_555 ? ? ? ? ? ? ? 1.321 ? ? 
covale15 covale both ? B FVA 1  C ? ? ? 1_555 B GLY 2  N ? ? B FVA 1  B GLY 2  1_555 ? ? ? ? ? ? ? 1.337 ? ? 
covale16 covale both ? B ALA 3  C ? ? ? 1_555 B DLE 4  N ? ? B ALA 3  B DLE 4  1_555 ? ? ? ? ? ? ? 1.323 ? ? 
covale17 covale both ? B DLE 4  C ? ? ? 1_555 B ALA 5  N ? ? B DLE 4  B ALA 5  1_555 ? ? ? ? ? ? ? 1.329 ? ? 
covale18 covale both ? B ALA 5  C ? ? ? 1_555 B DVA 6  N ? ? B ALA 5  B DVA 6  1_555 ? ? ? ? ? ? ? 1.314 ? ? 
covale19 covale both ? B DVA 6  C ? ? ? 1_555 B VAL 7  N ? ? B DVA 6  B VAL 7  1_555 ? ? ? ? ? ? ? 1.328 ? ? 
covale20 covale both ? B VAL 7  C ? ? ? 1_555 B DVA 8  N ? ? B VAL 7  B DVA 8  1_555 ? ? ? ? ? ? ? 1.325 ? ? 
covale21 covale both ? B DVA 8  C ? ? ? 1_555 B TRP 9  N ? ? B DVA 8  B TRP 9  1_555 ? ? ? ? ? ? ? 1.328 ? ? 
covale22 covale both ? B TRP 9  C ? ? ? 1_555 B DLE 10 N ? ? B TRP 9  B DLE 10 1_555 ? ? ? ? ? ? ? 1.336 ? ? 
covale23 covale both ? B DLE 10 C ? ? ? 1_555 B TRP 11 N ? ? B DLE 10 B TRP 11 1_555 ? ? ? ? ? ? ? 1.344 ? ? 
covale24 covale both ? B TRP 11 C ? ? ? 1_555 B DLE 12 N ? ? B TRP 11 B DLE 12 1_555 ? ? ? ? ? ? ? 1.330 ? ? 
covale25 covale both ? B DLE 12 C ? ? ? 1_555 B TRP 13 N ? ? B DLE 12 B TRP 13 1_555 ? ? ? ? ? ? ? 1.334 ? ? 
covale26 covale both ? B TRP 13 C ? ? ? 1_555 B DLE 14 N ? ? B TRP 13 B DLE 14 1_555 ? ? ? ? ? ? ? 1.340 ? ? 
covale27 covale both ? B DLE 14 C ? ? ? 1_555 B TRP 15 N ? ? B DLE 14 B TRP 15 1_555 ? ? ? ? ? ? ? 1.329 ? ? 
covale28 covale both ? B TRP 15 C ? ? ? 1_555 B ETA 16 N ? ? B TRP 15 B ETA 16 1_555 ? ? ? ? ? ? ? 1.324 ? ? 
covale29 covale both ? C FVA 1  C ? ? ? 1_555 C GLY 2  N ? ? C FVA 1  C GLY 2  1_555 ? ? ? ? ? ? ? 1.310 ? ? 
covale30 covale both ? C ALA 3  C ? ? ? 1_555 C DLE 4  N ? ? C ALA 3  C DLE 4  1_555 ? ? ? ? ? ? ? 1.323 ? ? 
covale31 covale both ? C DLE 4  C ? ? ? 1_555 C ALA 5  N ? ? C DLE 4  C ALA 5  1_555 ? ? ? ? ? ? ? 1.343 ? ? 
covale32 covale both ? C ALA 5  C ? ? ? 1_555 C DVA 6  N ? ? C ALA 5  C DVA 6  1_555 ? ? ? ? ? ? ? 1.328 ? ? 
covale33 covale both ? C DVA 6  C ? ? ? 1_555 C VAL 7  N ? ? C DVA 6  C VAL 7  1_555 ? ? ? ? ? ? ? 1.313 ? ? 
covale34 covale both ? C VAL 7  C ? ? ? 1_555 C DVA 8  N ? ? C VAL 7  C DVA 8  1_555 ? ? ? ? ? ? ? 1.318 ? ? 
covale35 covale both ? C DVA 8  C ? ? ? 1_555 C TRP 9  N ? ? C DVA 8  C TRP 9  1_555 ? ? ? ? ? ? ? 1.336 ? ? 
covale36 covale both ? C TRP 9  C ? ? ? 1_555 C DLE 10 N ? ? C TRP 9  C DLE 10 1_555 ? ? ? ? ? ? ? 1.346 ? ? 
covale37 covale both ? C DLE 10 C ? ? ? 1_555 C TRP 11 N ? ? C DLE 10 C TRP 11 1_555 ? ? ? ? ? ? ? 1.332 ? ? 
covale38 covale both ? C TRP 11 C ? ? ? 1_555 C DLE 12 N ? ? C TRP 11 C DLE 12 1_555 ? ? ? ? ? ? ? 1.332 ? ? 
covale39 covale both ? C DLE 12 C ? ? ? 1_555 C TRP 13 N ? ? C DLE 12 C TRP 13 1_555 ? ? ? ? ? ? ? 1.356 ? ? 
covale40 covale both ? C TRP 13 C ? ? ? 1_555 C DLE 14 N ? ? C TRP 13 C DLE 14 1_555 ? ? ? ? ? ? ? 1.334 ? ? 
covale41 covale both ? C DLE 14 C ? ? ? 1_555 C TRP 15 N ? ? C DLE 14 C TRP 15 1_555 ? ? ? ? ? ? ? 1.323 ? ? 
covale42 covale both ? C TRP 15 C ? ? ? 1_555 C ETA 16 N ? ? C TRP 15 C ETA 16 1_555 ? ? ? ? ? ? ? 1.334 ? ? 
covale43 covale both ? D FVA 1  C ? ? ? 1_555 D GLY 2  N ? ? D FVA 1  D GLY 2  1_555 ? ? ? ? ? ? ? 1.339 ? ? 
covale44 covale both ? D ALA 3  C ? ? ? 1_555 D DLE 4  N ? ? D ALA 3  D DLE 4  1_555 ? ? ? ? ? ? ? 1.325 ? ? 
covale45 covale both ? D DLE 4  C ? ? ? 1_555 D ALA 5  N ? ? D DLE 4  D ALA 5  1_555 ? ? ? ? ? ? ? 1.329 ? ? 
covale46 covale both ? D ALA 5  C ? ? ? 1_555 D DVA 6  N ? ? D ALA 5  D DVA 6  1_555 ? ? ? ? ? ? ? 1.320 ? ? 
covale47 covale both ? D DVA 6  C ? ? ? 1_555 D VAL 7  N ? ? D DVA 6  D VAL 7  1_555 ? ? ? ? ? ? ? 1.327 ? ? 
covale48 covale both ? D VAL 7  C ? ? ? 1_555 D DVA 8  N ? ? D VAL 7  D DVA 8  1_555 ? ? ? ? ? ? ? 1.336 ? ? 
covale49 covale both ? D DVA 8  C ? ? ? 1_555 D TRP 9  N ? ? D DVA 8  D TRP 9  1_555 ? ? ? ? ? ? ? 1.334 ? ? 
covale50 covale both ? D TRP 9  C ? ? ? 1_555 D DLE 10 N ? ? D TRP 9  D DLE 10 1_555 ? ? ? ? ? ? ? 1.332 ? ? 
covale51 covale both ? D DLE 10 C ? ? ? 1_555 D TRP 11 N ? ? D DLE 10 D TRP 11 1_555 ? ? ? ? ? ? ? 1.335 ? ? 
covale52 covale both ? D TRP 11 C ? ? ? 1_555 D DLE 12 N ? ? D TRP 11 D DLE 12 1_555 ? ? ? ? ? ? ? 1.318 ? ? 
covale53 covale both ? D DLE 12 C ? ? ? 1_555 D TRP 13 N B ? D DLE 12 D TRP 13 1_555 ? ? ? ? ? ? ? 1.333 ? ? 
covale54 covale both ? D DLE 12 C ? ? ? 1_555 D TRP 13 N A ? D DLE 12 D TRP 13 1_555 ? ? ? ? ? ? ? 1.330 ? ? 
covale55 covale both ? D TRP 13 C B ? ? 1_555 D DLE 14 N ? ? D TRP 13 D DLE 14 1_555 ? ? ? ? ? ? ? 1.327 ? ? 
covale56 covale both ? D TRP 13 C A ? ? 1_555 D DLE 14 N ? ? D TRP 13 D DLE 14 1_555 ? ? ? ? ? ? ? 1.327 ? ? 
covale57 covale both ? D DLE 14 C ? ? ? 1_555 D TRP 15 N ? ? D DLE 14 D TRP 15 1_555 ? ? ? ? ? ? ? 1.333 ? ? 
covale58 covale both ? D TRP 15 C ? ? ? 1_555 D ETA 16 N B ? D TRP 15 D ETA 16 1_555 ? ? ? ? ? ? ? 1.322 ? ? 
covale59 covale both ? D TRP 15 C ? ? ? 1_555 D ETA 16 N A ? D TRP 15 D ETA 16 1_555 ? ? ? ? ? ? ? 1.331 ? ? 
# 
_struct_conn_type.id          covale 
_struct_conn_type.criteria    ? 
_struct_conn_type.reference   ? 
# 
loop_
_pdbx_modification_feature.ordinal 
_pdbx_modification_feature.label_comp_id 
_pdbx_modification_feature.label_asym_id 
_pdbx_modification_feature.label_seq_id 
_pdbx_modification_feature.label_alt_id 
_pdbx_modification_feature.modified_residue_label_comp_id 
_pdbx_modification_feature.modified_residue_label_asym_id 
_pdbx_modification_feature.modified_residue_label_seq_id 
_pdbx_modification_feature.modified_residue_label_alt_id 
_pdbx_modification_feature.auth_comp_id 
_pdbx_modification_feature.auth_asym_id 
_pdbx_modification_feature.auth_seq_id 
_pdbx_modification_feature.PDB_ins_code 
_pdbx_modification_feature.symmetry 
_pdbx_modification_feature.modified_residue_auth_comp_id 
_pdbx_modification_feature.modified_residue_auth_asym_id 
_pdbx_modification_feature.modified_residue_auth_seq_id 
_pdbx_modification_feature.modified_residue_PDB_ins_code 
_pdbx_modification_feature.modified_residue_symmetry 
_pdbx_modification_feature.comp_id_linking_atom 
_pdbx_modification_feature.modified_residue_id_linking_atom 
_pdbx_modification_feature.modified_residue_id 
_pdbx_modification_feature.ref_pcm_id 
_pdbx_modification_feature.ref_comp_id 
_pdbx_modification_feature.type 
_pdbx_modification_feature.category 
1 FVA A 1  ? . . . . FVA A 1  ? 1_555 . . . . . . . VAL 1 FVA Formylation 'Named protein modification' 
2 FVA B 1  ? . . . . FVA B 1  ? 1_555 . . . . . . . VAL 1 FVA Formylation 'Named protein modification' 
3 FVA C 1  ? . . . . FVA C 1  ? 1_555 . . . . . . . VAL 1 FVA Formylation 'Named protein modification' 
4 FVA D 1  ? . . . . FVA D 1  ? 1_555 . . . . . . . VAL 1 FVA Formylation 'Named protein modification' 
5 ETA A 16 ? . . . . ETA A 16 ? 1_555 . . . . . . . ?   1 ETA None        'Non-standard residue'       
6 ETA B 16 ? . . . . ETA B 16 ? 1_555 . . . . . . . ?   1 ETA None        'Non-standard residue'       
7 ETA C 16 ? . . . . ETA C 16 ? 1_555 . . . . . . . ?   1 ETA None        'Non-standard residue'       
8 ETA D 16 A . . . . ETA D 16 ? 1_555 . . . . . . . ?   1 ETA None        'Non-standard residue'       
9 ETA D 16 B . . . . ETA D 16 ? 1_555 . . . . . . . ?   1 ETA None        'Non-standard residue'       
# 
loop_
_struct_sheet.id 
_struct_sheet.type 
_struct_sheet.number_strands 
_struct_sheet.details 
AA ? 2 ? 
CA ? 2 ? 
# 
loop_
_struct_sheet_order.sheet_id 
_struct_sheet_order.range_id_1 
_struct_sheet_order.range_id_2 
_struct_sheet_order.offset 
_struct_sheet_order.sense 
AA 1 2 ? anti-parallel 
CA 1 2 ? anti-parallel 
# 
loop_
_struct_sheet_range.sheet_id 
_struct_sheet_range.id 
_struct_sheet_range.beg_label_comp_id 
_struct_sheet_range.beg_label_asym_id 
_struct_sheet_range.beg_label_seq_id 
_struct_sheet_range.pdbx_beg_PDB_ins_code 
_struct_sheet_range.end_label_comp_id 
_struct_sheet_range.end_label_asym_id 
_struct_sheet_range.end_label_seq_id 
_struct_sheet_range.pdbx_end_PDB_ins_code 
_struct_sheet_range.beg_auth_comp_id 
_struct_sheet_range.beg_auth_asym_id 
_struct_sheet_range.beg_auth_seq_id 
_struct_sheet_range.end_auth_comp_id 
_struct_sheet_range.end_auth_asym_id 
_struct_sheet_range.end_auth_seq_id 
AA 1 ALA A 3 ? DLE A 14 ? ALA A 3 DLE A 14 
AA 2 ALA B 3 ? DLE B 14 ? ALA B 3 DLE B 14 
CA 1 ALA C 3 ? DLE C 14 ? ALA C 3 DLE C 14 
CA 2 ALA D 3 ? DLE D 14 ? ALA D 3 DLE D 14 
# 
loop_
_pdbx_struct_sheet_hbond.sheet_id 
_pdbx_struct_sheet_hbond.range_id_1 
_pdbx_struct_sheet_hbond.range_id_2 
_pdbx_struct_sheet_hbond.range_1_label_atom_id 
_pdbx_struct_sheet_hbond.range_1_label_comp_id 
_pdbx_struct_sheet_hbond.range_1_label_asym_id 
_pdbx_struct_sheet_hbond.range_1_label_seq_id 
_pdbx_struct_sheet_hbond.range_1_PDB_ins_code 
_pdbx_struct_sheet_hbond.range_1_auth_atom_id 
_pdbx_struct_sheet_hbond.range_1_auth_comp_id 
_pdbx_struct_sheet_hbond.range_1_auth_asym_id 
_pdbx_struct_sheet_hbond.range_1_auth_seq_id 
_pdbx_struct_sheet_hbond.range_2_label_atom_id 
_pdbx_struct_sheet_hbond.range_2_label_comp_id 
_pdbx_struct_sheet_hbond.range_2_label_asym_id 
_pdbx_struct_sheet_hbond.range_2_label_seq_id 
_pdbx_struct_sheet_hbond.range_2_PDB_ins_code 
_pdbx_struct_sheet_hbond.range_2_auth_atom_id 
_pdbx_struct_sheet_hbond.range_2_auth_comp_id 
_pdbx_struct_sheet_hbond.range_2_auth_asym_id 
_pdbx_struct_sheet_hbond.range_2_auth_seq_id 
AA 1 2 N TRP A 13 ? N TRP A 13 O ALA B 3 ? O ALA B 3 
CA 1 2 N TRP C 13 ? N TRP C 13 O ALA D 3 ? O ALA D 3 
# 
loop_
_struct_site.id 
_struct_site.pdbx_evidence_code 
_struct_site.pdbx_auth_asym_id 
_struct_site.pdbx_auth_comp_id 
_struct_site.pdbx_auth_seq_id 
_struct_site.pdbx_auth_ins_code 
_struct_site.pdbx_num_residues 
_struct_site.details 
AC1 Software C MVC 1016 ? 9 'BINDING SITE FOR RESIDUE MVC C 1016' 
AC2 Software C MVC 1017 ? 5 'BINDING SITE FOR RESIDUE MVC C 1017' 
AC3 Software C MVC 1018 ? 5 'BINDING SITE FOR RESIDUE MVC C 1018' 
# 
loop_
_struct_site_gen.id 
_struct_site_gen.site_id 
_struct_site_gen.pdbx_num_res 
_struct_site_gen.label_comp_id 
_struct_site_gen.label_asym_id 
_struct_site_gen.label_seq_id 
_struct_site_gen.pdbx_auth_ins_code 
_struct_site_gen.auth_comp_id 
_struct_site_gen.auth_asym_id 
_struct_site_gen.auth_seq_id 
_struct_site_gen.label_atom_id 
_struct_site_gen.label_alt_id 
_struct_site_gen.symmetry 
_struct_site_gen.details 
1  AC1 9 DVA A 6  ? DVA A 6    . ? 1_455 ? 
2  AC1 9 TRP A 11 ? TRP A 11   . ? 1_455 ? 
3  AC1 9 DLE A 12 ? DLE A 12   . ? 1_455 ? 
4  AC1 9 DLE B 4  ? DLE B 4    . ? 1_455 ? 
5  AC1 9 TRP B 9  ? TRP B 9    . ? 1_455 ? 
6  AC1 9 FVA C 1  ? FVA C 1    . ? 1_556 ? 
7  AC1 9 TRP C 13 ? TRP C 13   . ? 1_555 ? 
8  AC1 9 HOH H .  ? HOH C 2002 . ? 1_555 ? 
9  AC1 9 TRP D 9  ? TRP D 9    . ? 1_555 ? 
10 AC2 5 TRP A 13 ? TRP A 13   . ? 1_455 ? 
11 AC2 5 TRP C 11 ? TRP C 11   . ? 1_555 ? 
12 AC2 5 DLE C 12 ? DLE C 12   . ? 1_555 ? 
13 AC2 5 DLE D 4  ? DLE D 4    . ? 1_555 ? 
14 AC2 5 TRP D 9  ? TRP D 9    . ? 1_555 ? 
15 AC3 5 TRP A 15 ? TRP A 15   . ? 1_454 ? 
16 AC3 5 ETA A 16 ? ETA A 16   . ? 1_454 ? 
17 AC3 5 FVA B 1  ? FVA B 1    . ? 1_454 ? 
18 AC3 5 FVA C 1  ? FVA C 1    . ? 1_555 ? 
19 AC3 5 TRP C 15 ? TRP C 15   . ? 1_454 ? 
# 
_pdbx_entry_details.entry_id                   3ZQ8 
_pdbx_entry_details.compound_details           
;GRAMICIDIN IS A HETEROGENEOUS MIXTURE OF SEVERAL COMPOUNDS
INCLUDING GRAMICIDIN A, B AND C WHICH ARE OBTAINED FROM
BACILLUS BREVIS AND COLLECTIVELY CALLED GRAMICIDIN D
HERE, GRAMICIDIN A IS REPRESENTED BY THE SEQUENCE (SEQRES)

 GROUP: 1
  NAME: GRAMICIDIN A
  CHAIN: A, B, C, D, E, F
  COMPONENT_1: PEPTIDE LIKE SEQUENCE RESIDUES 1 TO 16
  DESCRIPTION: GRAMICIDIN A IS A HEXADECAMERIC HELICAL PEPTIDE
               WITH ALTERNATING D,L CHARACTERISTICS.
               THE N-TERM IS FORMYLATED (RESIDUE 1) WITH
               ETHANOLAMINE AT THE C-TERM (RESIDUE 16)
;
_pdbx_entry_details.source_details             ? 
_pdbx_entry_details.nonpolymer_details         ? 
_pdbx_entry_details.sequence_details           ? 
_pdbx_entry_details.has_ligand_of_interest     ? 
_pdbx_entry_details.has_protein_modification   Y 
# 
loop_
_pdbx_validate_rmsd_angle.id 
_pdbx_validate_rmsd_angle.PDB_model_num 
_pdbx_validate_rmsd_angle.auth_atom_id_1 
_pdbx_validate_rmsd_angle.auth_asym_id_1 
_pdbx_validate_rmsd_angle.auth_comp_id_1 
_pdbx_validate_rmsd_angle.auth_seq_id_1 
_pdbx_validate_rmsd_angle.PDB_ins_code_1 
_pdbx_validate_rmsd_angle.label_alt_id_1 
_pdbx_validate_rmsd_angle.auth_atom_id_2 
_pdbx_validate_rmsd_angle.auth_asym_id_2 
_pdbx_validate_rmsd_angle.auth_comp_id_2 
_pdbx_validate_rmsd_angle.auth_seq_id_2 
_pdbx_validate_rmsd_angle.PDB_ins_code_2 
_pdbx_validate_rmsd_angle.label_alt_id_2 
_pdbx_validate_rmsd_angle.auth_atom_id_3 
_pdbx_validate_rmsd_angle.auth_asym_id_3 
_pdbx_validate_rmsd_angle.auth_comp_id_3 
_pdbx_validate_rmsd_angle.auth_seq_id_3 
_pdbx_validate_rmsd_angle.PDB_ins_code_3 
_pdbx_validate_rmsd_angle.label_alt_id_3 
_pdbx_validate_rmsd_angle.angle_value 
_pdbx_validate_rmsd_angle.angle_target_value 
_pdbx_validate_rmsd_angle.angle_deviation 
_pdbx_validate_rmsd_angle.angle_standard_deviation 
_pdbx_validate_rmsd_angle.linker_flag 
1 1 O B TRP 15 ? ? C B TRP 15 ? ? N  B ETA 16 ? ? 132.75 122.70 10.05  1.60 Y 
2 1 C B TRP 15 ? ? N B ETA 16 ? ? CA B ETA 16 ? ? 102.54 121.70 -19.16 2.50 Y 
# 
loop_
_pdbx_validate_torsion.id 
_pdbx_validate_torsion.PDB_model_num 
_pdbx_validate_torsion.auth_comp_id 
_pdbx_validate_torsion.auth_asym_id 
_pdbx_validate_torsion.auth_seq_id 
_pdbx_validate_torsion.PDB_ins_code 
_pdbx_validate_torsion.label_alt_id 
_pdbx_validate_torsion.phi 
_pdbx_validate_torsion.psi 
1 1 ALA A 5  ? ? -153.90 87.37 
2 1 TRP A 11 ? ? -161.78 90.07 
3 1 TRP A 13 ? ? -156.97 88.96 
4 1 TRP A 15 ? ? -164.40 81.98 
5 1 TRP B 13 ? ? -158.06 86.09 
6 1 TRP C 11 ? ? -159.47 78.41 
7 1 TRP C 13 ? ? -159.17 88.35 
8 1 TRP C 15 ? ? -163.87 95.40 
# 
_pdbx_molecule_features.prd_id    PRD_000150 
_pdbx_molecule_features.name      'GRAMICIDIN A' 
_pdbx_molecule_features.type      Polypeptide 
_pdbx_molecule_features.class     Antibiotic 
_pdbx_molecule_features.details   
;GRAMICIDIN A IS A HEXADECAMERIC HELICAL PEPTIDE
  WITH ALTERNATING D,L CHARACTERISTICS.
  THE N-TERM IS FORMYLATED (RESIDUE 0).
  THE C-TERM IS CAPPED WITH ETHANOLAMINE (RESIDUE 16).
;
# 
loop_
_pdbx_molecule.instance_id 
_pdbx_molecule.prd_id 
_pdbx_molecule.asym_id 
1 PRD_000150 A 
2 PRD_000150 B 
3 PRD_000150 C 
4 PRD_000150 D 
# 
loop_
_pdbx_struct_mod_residue.id 
_pdbx_struct_mod_residue.label_asym_id 
_pdbx_struct_mod_residue.label_comp_id 
_pdbx_struct_mod_residue.label_seq_id 
_pdbx_struct_mod_residue.auth_asym_id 
_pdbx_struct_mod_residue.auth_comp_id 
_pdbx_struct_mod_residue.auth_seq_id 
_pdbx_struct_mod_residue.PDB_ins_code 
_pdbx_struct_mod_residue.parent_comp_id 
_pdbx_struct_mod_residue.details 
1 A FVA 1 A FVA 1 ? VAL N-FORMYL-L-VALINE 
2 B FVA 1 B FVA 1 ? VAL N-FORMYL-L-VALINE 
3 C FVA 1 C FVA 1 ? VAL N-FORMYL-L-VALINE 
4 D FVA 1 D FVA 1 ? VAL N-FORMYL-L-VALINE 
# 
loop_
_chem_comp_atom.comp_id 
_chem_comp_atom.atom_id 
_chem_comp_atom.type_symbol 
_chem_comp_atom.pdbx_aromatic_flag 
_chem_comp_atom.pdbx_stereo_config 
_chem_comp_atom.pdbx_ordinal 
ALA N    N N N 1   
ALA CA   C N S 2   
ALA C    C N N 3   
ALA O    O N N 4   
ALA CB   C N N 5   
ALA OXT  O N N 6   
ALA H    H N N 7   
ALA H2   H N N 8   
ALA HA   H N N 9   
ALA HB1  H N N 10  
ALA HB2  H N N 11  
ALA HB3  H N N 12  
ALA HXT  H N N 13  
DLE N    N N N 14  
DLE CA   C N R 15  
DLE CB   C N N 16  
DLE CG   C N N 17  
DLE CD1  C N N 18  
DLE CD2  C N N 19  
DLE C    C N N 20  
DLE O    O N N 21  
DLE OXT  O N N 22  
DLE H    H N N 23  
DLE H2   H N N 24  
DLE HA   H N N 25  
DLE HB2  H N N 26  
DLE HB3  H N N 27  
DLE HG   H N N 28  
DLE HD11 H N N 29  
DLE HD12 H N N 30  
DLE HD13 H N N 31  
DLE HD21 H N N 32  
DLE HD22 H N N 33  
DLE HD23 H N N 34  
DLE HXT  H N N 35  
DVA N    N N N 36  
DVA CA   C N R 37  
DVA CB   C N N 38  
DVA CG1  C N N 39  
DVA CG2  C N N 40  
DVA C    C N N 41  
DVA O    O N N 42  
DVA OXT  O N N 43  
DVA H    H N N 44  
DVA H2   H N N 45  
DVA HA   H N N 46  
DVA HB   H N N 47  
DVA HG11 H N N 48  
DVA HG12 H N N 49  
DVA HG13 H N N 50  
DVA HG21 H N N 51  
DVA HG22 H N N 52  
DVA HG23 H N N 53  
DVA HXT  H N N 54  
ETA CA   C N N 55  
ETA N    N N N 56  
ETA C    C N N 57  
ETA O    O N N 58  
ETA HA1  H N N 59  
ETA HA2  H N N 60  
ETA H    H N N 61  
ETA H2   H N N 62  
ETA HB1  H N N 63  
ETA HB2  H N N 64  
ETA HO   H N N 65  
FVA C    C N N 66  
FVA N    N N N 67  
FVA O    O N N 68  
FVA CA   C N S 69  
FVA CB   C N N 70  
FVA CG1  C N N 71  
FVA CG2  C N N 72  
FVA H    H N N 73  
FVA HA   H N N 74  
FVA HB   H N N 75  
FVA HG11 H N N 76  
FVA HG12 H N N 77  
FVA HG13 H N N 78  
FVA HG21 H N N 79  
FVA HG22 H N N 80  
FVA HG23 H N N 81  
FVA O1   O N N 82  
FVA CN   C N N 83  
FVA HN   H N N 84  
FVA OXT  O N N 85  
FVA HXT  H N N 86  
GLY N    N N N 87  
GLY CA   C N N 88  
GLY C    C N N 89  
GLY O    O N N 90  
GLY OXT  O N N 91  
GLY H    H N N 92  
GLY H2   H N N 93  
GLY HA2  H N N 94  
GLY HA3  H N N 95  
GLY HXT  H N N 96  
HOH O    O N N 97  
HOH H1   H N N 98  
HOH H2   H N N 99  
MVC C17  C N N 100 
MVC C9   C N N 101 
MVC C8   C N N 102 
MVC C16  C N N 103 
MVC C10  C N N 104 
MVC C7   C N N 105 
MVC C24  C N N 106 
MVC C15  C N N 107 
MVC C11  C N N 108 
MVC C6   C N N 109 
MVC C14  C N N 110 
MVC C12  C N N 111 
MVC C5   C N N 112 
MVC C13  C N N 113 
MVC C4   C N N 114 
MVC C3   C N N 115 
MVC C21  C N N 116 
MVC C22  C N R 117 
MVC O19  O N N 118 
MVC C1   C N N 119 
MVC O25  O N N 120 
MVC O23  O N N 121 
MVC O20  O N N 122 
MVC C18  C N N 123 
MVC C19  C N N 124 
MVC H101 H N N 125 
MVC H102 H N N 126 
MVC H91C H N N 127 
MVC H92C H N N 128 
MVC H111 H N N 129 
MVC H112 H N N 130 
MVC H81C H N N 131 
MVC H82C H N N 132 
MVC H171 H N N 133 
MVC H172 H N N 134 
MVC H161 H N N 135 
MVC H162 H N N 136 
MVC H12  H N N 137 
MVC H71C H N N 138 
MVC H72C H N N 139 
MVC H241 H N N 140 
MVC H242 H N N 141 
MVC H22  H N N 142 
MVC H151 H N N 143 
MVC H152 H N N 144 
MVC H13  H N N 145 
MVC H61C H N N 146 
MVC H62C H N N 147 
MVC H141 H N N 148 
MVC H142 H N N 149 
MVC H51C H N N 150 
MVC H52C H N N 151 
MVC H41C H N N 152 
MVC H42C H N N 153 
MVC H31C H N N 154 
MVC H32C H N N 155 
MVC H211 H N N 156 
MVC H212 H N N 157 
MVC H20  H N N 158 
MVC H23  H N N 159 
MVC H181 H N N 160 
MVC H182 H N N 161 
MVC H191 H N N 162 
MVC H192 H N N 163 
MVC H193 H N N 164 
TRP N    N N N 165 
TRP CA   C N S 166 
TRP C    C N N 167 
TRP O    O N N 168 
TRP CB   C N N 169 
TRP CG   C Y N 170 
TRP CD1  C Y N 171 
TRP CD2  C Y N 172 
TRP NE1  N Y N 173 
TRP CE2  C Y N 174 
TRP CE3  C Y N 175 
TRP CZ2  C Y N 176 
TRP CZ3  C Y N 177 
TRP CH2  C Y N 178 
TRP OXT  O N N 179 
TRP H    H N N 180 
TRP H2   H N N 181 
TRP HA   H N N 182 
TRP HB2  H N N 183 
TRP HB3  H N N 184 
TRP HD1  H N N 185 
TRP HE1  H N N 186 
TRP HE3  H N N 187 
TRP HZ2  H N N 188 
TRP HZ3  H N N 189 
TRP HH2  H N N 190 
TRP HXT  H N N 191 
VAL N    N N N 192 
VAL CA   C N S 193 
VAL C    C N N 194 
VAL O    O N N 195 
VAL CB   C N N 196 
VAL CG1  C N N 197 
VAL CG2  C N N 198 
VAL OXT  O N N 199 
VAL H    H N N 200 
VAL H2   H N N 201 
VAL HA   H N N 202 
VAL HB   H N N 203 
VAL HG11 H N N 204 
VAL HG12 H N N 205 
VAL HG13 H N N 206 
VAL HG21 H N N 207 
VAL HG22 H N N 208 
VAL HG23 H N N 209 
VAL HXT  H N N 210 
# 
loop_
_chem_comp_bond.comp_id 
_chem_comp_bond.atom_id_1 
_chem_comp_bond.atom_id_2 
_chem_comp_bond.value_order 
_chem_comp_bond.pdbx_aromatic_flag 
_chem_comp_bond.pdbx_stereo_config 
_chem_comp_bond.pdbx_ordinal 
ALA N    CA   sing N N 1   
ALA N    H    sing N N 2   
ALA N    H2   sing N N 3   
ALA CA   C    sing N N 4   
ALA CA   CB   sing N N 5   
ALA CA   HA   sing N N 6   
ALA C    O    doub N N 7   
ALA C    OXT  sing N N 8   
ALA CB   HB1  sing N N 9   
ALA CB   HB2  sing N N 10  
ALA CB   HB3  sing N N 11  
ALA OXT  HXT  sing N N 12  
DLE N    CA   sing N N 13  
DLE N    H    sing N N 14  
DLE N    H2   sing N N 15  
DLE CA   CB   sing N N 16  
DLE CA   C    sing N N 17  
DLE CA   HA   sing N N 18  
DLE CB   CG   sing N N 19  
DLE CB   HB2  sing N N 20  
DLE CB   HB3  sing N N 21  
DLE CG   CD1  sing N N 22  
DLE CG   CD2  sing N N 23  
DLE CG   HG   sing N N 24  
DLE CD1  HD11 sing N N 25  
DLE CD1  HD12 sing N N 26  
DLE CD1  HD13 sing N N 27  
DLE CD2  HD21 sing N N 28  
DLE CD2  HD22 sing N N 29  
DLE CD2  HD23 sing N N 30  
DLE C    O    doub N N 31  
DLE C    OXT  sing N N 32  
DLE OXT  HXT  sing N N 33  
DVA N    CA   sing N N 34  
DVA N    H    sing N N 35  
DVA N    H2   sing N N 36  
DVA CA   CB   sing N N 37  
DVA CA   C    sing N N 38  
DVA CA   HA   sing N N 39  
DVA CB   CG1  sing N N 40  
DVA CB   CG2  sing N N 41  
DVA CB   HB   sing N N 42  
DVA CG1  HG11 sing N N 43  
DVA CG1  HG12 sing N N 44  
DVA CG1  HG13 sing N N 45  
DVA CG2  HG21 sing N N 46  
DVA CG2  HG22 sing N N 47  
DVA CG2  HG23 sing N N 48  
DVA C    O    doub N N 49  
DVA C    OXT  sing N N 50  
DVA OXT  HXT  sing N N 51  
ETA CA   N    sing N N 52  
ETA CA   C    sing N N 53  
ETA CA   HA1  sing N N 54  
ETA CA   HA2  sing N N 55  
ETA N    H    sing N N 56  
ETA N    H2   sing N N 57  
ETA C    O    sing N N 58  
ETA C    HB1  sing N N 59  
ETA C    HB2  sing N N 60  
ETA O    HO   sing N N 61  
FVA O    C    doub N N 62  
FVA C    CA   sing N N 63  
FVA H    N    sing N N 64  
FVA N    CN   sing N N 65  
FVA N    CA   sing N N 66  
FVA CB   CA   sing N N 67  
FVA CA   HA   sing N N 68  
FVA HB   CB   sing N N 69  
FVA CB   CG2  sing N N 70  
FVA CB   CG1  sing N N 71  
FVA HG13 CG1  sing N N 72  
FVA HG12 CG1  sing N N 73  
FVA CG1  HG11 sing N N 74  
FVA HG22 CG2  sing N N 75  
FVA HG23 CG2  sing N N 76  
FVA CG2  HG21 sing N N 77  
FVA CN   O1   doub N N 78  
FVA HN   CN   sing N N 79  
FVA C    OXT  sing N N 80  
FVA OXT  HXT  sing N N 81  
GLY N    CA   sing N N 82  
GLY N    H    sing N N 83  
GLY N    H2   sing N N 84  
GLY CA   C    sing N N 85  
GLY CA   HA2  sing N N 86  
GLY CA   HA3  sing N N 87  
GLY C    O    doub N N 88  
GLY C    OXT  sing N N 89  
GLY OXT  HXT  sing N N 90  
HOH O    H1   sing N N 91  
HOH O    H2   sing N N 92  
MVC C10  C9   sing N N 93  
MVC C10  C11  sing N N 94  
MVC C9   C8   sing N N 95  
MVC C17  C16  sing N N 96  
MVC C11  C12  sing N N 97  
MVC C8   C7   sing N N 98  
MVC C24  C22  sing N N 99  
MVC C24  O25  sing N N 100 
MVC C16  C15  sing N N 101 
MVC C12  C13  doub N Z 102 
MVC C7   C6   sing N N 103 
MVC C15  C14  sing N N 104 
MVC C13  C14  sing N N 105 
MVC C6   C5   sing N N 106 
MVC C5   C4   sing N N 107 
MVC C4   C3   sing N N 108 
MVC C3   C1   sing N N 109 
MVC C21  C22  sing N N 110 
MVC C21  O20  sing N N 111 
MVC C22  O23  sing N N 112 
MVC O19  C1   doub N N 113 
MVC O25  C1   sing N N 114 
MVC C17  C18  sing N N 115 
MVC C18  C19  sing N N 116 
MVC C10  H101 sing N N 117 
MVC C10  H102 sing N N 118 
MVC C9   H91C sing N N 119 
MVC C9   H92C sing N N 120 
MVC C11  H111 sing N N 121 
MVC C11  H112 sing N N 122 
MVC C8   H81C sing N N 123 
MVC C8   H82C sing N N 124 
MVC C17  H171 sing N N 125 
MVC C17  H172 sing N N 126 
MVC C16  H161 sing N N 127 
MVC C16  H162 sing N N 128 
MVC C12  H12  sing N N 129 
MVC C7   H71C sing N N 130 
MVC C7   H72C sing N N 131 
MVC C24  H241 sing N N 132 
MVC C24  H242 sing N N 133 
MVC C22  H22  sing N N 134 
MVC C15  H151 sing N N 135 
MVC C15  H152 sing N N 136 
MVC C13  H13  sing N N 137 
MVC C6   H61C sing N N 138 
MVC C6   H62C sing N N 139 
MVC C14  H141 sing N N 140 
MVC C14  H142 sing N N 141 
MVC C5   H51C sing N N 142 
MVC C5   H52C sing N N 143 
MVC C4   H41C sing N N 144 
MVC C4   H42C sing N N 145 
MVC C3   H31C sing N N 146 
MVC C3   H32C sing N N 147 
MVC C21  H211 sing N N 148 
MVC C21  H212 sing N N 149 
MVC O20  H20  sing N N 150 
MVC O23  H23  sing N N 151 
MVC C18  H181 sing N N 152 
MVC C18  H182 sing N N 153 
MVC C19  H191 sing N N 154 
MVC C19  H192 sing N N 155 
MVC C19  H193 sing N N 156 
TRP N    CA   sing N N 157 
TRP N    H    sing N N 158 
TRP N    H2   sing N N 159 
TRP CA   C    sing N N 160 
TRP CA   CB   sing N N 161 
TRP CA   HA   sing N N 162 
TRP C    O    doub N N 163 
TRP C    OXT  sing N N 164 
TRP CB   CG   sing N N 165 
TRP CB   HB2  sing N N 166 
TRP CB   HB3  sing N N 167 
TRP CG   CD1  doub Y N 168 
TRP CG   CD2  sing Y N 169 
TRP CD1  NE1  sing Y N 170 
TRP CD1  HD1  sing N N 171 
TRP CD2  CE2  doub Y N 172 
TRP CD2  CE3  sing Y N 173 
TRP NE1  CE2  sing Y N 174 
TRP NE1  HE1  sing N N 175 
TRP CE2  CZ2  sing Y N 176 
TRP CE3  CZ3  doub Y N 177 
TRP CE3  HE3  sing N N 178 
TRP CZ2  CH2  doub Y N 179 
TRP CZ2  HZ2  sing N N 180 
TRP CZ3  CH2  sing Y N 181 
TRP CZ3  HZ3  sing N N 182 
TRP CH2  HH2  sing N N 183 
TRP OXT  HXT  sing N N 184 
VAL N    CA   sing N N 185 
VAL N    H    sing N N 186 
VAL N    H2   sing N N 187 
VAL CA   C    sing N N 188 
VAL CA   CB   sing N N 189 
VAL CA   HA   sing N N 190 
VAL C    O    doub N N 191 
VAL C    OXT  sing N N 192 
VAL CB   CG1  sing N N 193 
VAL CB   CG2  sing N N 194 
VAL CB   HB   sing N N 195 
VAL CG1  HG11 sing N N 196 
VAL CG1  HG12 sing N N 197 
VAL CG1  HG13 sing N N 198 
VAL CG2  HG21 sing N N 199 
VAL CG2  HG22 sing N N 200 
VAL CG2  HG23 sing N N 201 
VAL OXT  HXT  sing N N 202 
# 
_pdbx_initial_refinement_model.id               1 
_pdbx_initial_refinement_model.entity_id_list   ? 
_pdbx_initial_refinement_model.type             'experimental model' 
_pdbx_initial_refinement_model.source_name      PDB 
_pdbx_initial_refinement_model.accession_code   2XDC 
_pdbx_initial_refinement_model.details          'PDB ENTRY 2XDC' 
# 
_atom_sites.entry_id                    3ZQ8 
_atom_sites.fract_transf_matrix[1][1]   -0.00722777 
_atom_sites.fract_transf_matrix[1][2]   0.03161923 
_atom_sites.fract_transf_matrix[1][3]   0.02928844 
_atom_sites.fract_transf_matrix[2][1]   0.01209161 
_atom_sites.fract_transf_matrix[2][2]   -0.01239042 
_atom_sites.fract_transf_matrix[2][3]   0.01636041 
_atom_sites.fract_transf_matrix[3][1]   0.02449059 
_atom_sites.fract_transf_matrix[3][2]   0.02092132 
_atom_sites.fract_transf_matrix[3][3]   -0.00225586 
_atom_sites.fract_transf_vector[1]      -0.175238 
_atom_sites.fract_transf_vector[2]      -0.145748 
_atom_sites.fract_transf_vector[3]      -0.407077 
# 
loop_
_atom_type.symbol 
C 
N 
O 
# 
loop_
_atom_site.group_PDB 
_atom_site.id 
_atom_site.type_symbol 
_atom_site.label_atom_id 
_atom_site.label_alt_id 
_atom_site.label_comp_id 
_atom_site.label_asym_id 
_atom_site.label_entity_id 
_atom_site.label_seq_id 
_atom_site.pdbx_PDB_ins_code 
_atom_site.Cartn_x 
_atom_site.Cartn_y 
_atom_site.Cartn_z 
_atom_site.occupancy 
_atom_site.B_iso_or_equiv 
_atom_site.pdbx_formal_charge 
_atom_site.auth_seq_id 
_atom_site.auth_comp_id 
_atom_site.auth_asym_id 
_atom_site.auth_atom_id 
_atom_site.pdbx_PDB_model_num 
HETATM 1   C C   . FVA A 1 1  ? -17.711 0.383   -0.033  1.00 30.97 ? 1    FVA A C   1 
HETATM 2   N N   . FVA A 1 1  ? -18.400 -1.715  0.797   1.00 31.70 ? 1    FVA A N   1 
HETATM 3   O O   . FVA A 1 1  ? -16.554 0.199   0.363   1.00 27.71 ? 1    FVA A O   1 
HETATM 4   C CA  . FVA A 1 1  ? -18.870 -0.356  0.623   1.00 31.28 ? 1    FVA A CA  1 
HETATM 5   C CB  . FVA A 1 1  ? -19.211 0.283   1.986   1.00 31.60 ? 1    FVA A CB  1 
HETATM 6   C CG1 . FVA A 1 1  ? -19.481 1.792   1.872   1.00 34.78 ? 1    FVA A CG1 1 
HETATM 7   C CG2 . FVA A 1 1  ? -20.408 -0.400  2.592   1.00 34.68 ? 1    FVA A CG2 1 
HETATM 8   O O1  . FVA A 1 1  ? -20.310 -2.678  0.041   1.00 34.92 ? 1    FVA A O1  1 
HETATM 9   C CN  . FVA A 1 1  ? -19.169 -2.774  0.523   1.00 34.39 ? 1    FVA A CN  1 
ATOM   10  N N   . GLY A 1 2  ? -17.998 1.152   -1.080  1.00 28.34 ? 2    GLY A N   1 
ATOM   11  C CA  . GLY A 1 2  ? -16.978 1.981   -1.679  1.00 26.86 ? 2    GLY A CA  1 
ATOM   12  C C   . GLY A 1 2  ? -16.242 1.098   -2.630  1.00 26.86 ? 2    GLY A C   1 
ATOM   13  O O   . GLY A 1 2  ? -16.803 0.151   -3.151  1.00 24.89 ? 2    GLY A O   1 
ATOM   14  N N   . ALA A 1 3  ? -14.931 1.314   -2.727  1.00 25.13 ? 3    ALA A N   1 
ATOM   15  C CA  . ALA A 1 3  ? -14.110 0.626   -3.716  1.00 25.74 ? 3    ALA A CA  1 
ATOM   16  C C   . ALA A 1 3  ? -12.623 0.555   -3.281  1.00 24.54 ? 3    ALA A C   1 
ATOM   17  O O   . ALA A 1 3  ? -12.112 1.507   -2.698  1.00 23.70 ? 3    ALA A O   1 
ATOM   18  C CB  . ALA A 1 3  ? -14.220 1.335   -5.044  1.00 27.19 ? 3    ALA A CB  1 
HETATM 19  N N   . DLE A 1 4  ? -11.910 -0.514  -3.643  1.00 21.27 ? 4    DLE A N   1 
HETATM 20  C CA  . DLE A 1 4  ? -10.477 -0.534  -3.387  1.00 20.99 ? 4    DLE A CA  1 
HETATM 21  C CB  . DLE A 1 4  ? -9.763  -1.304  -4.464  1.00 22.13 ? 4    DLE A CB  1 
HETATM 22  C CG  . DLE A 1 4  ? -9.701  -0.590  -5.789  1.00 26.40 ? 4    DLE A CG  1 
HETATM 23  C CD1 . DLE A 1 4  ? -8.566  0.467   -5.677  1.00 23.71 ? 4    DLE A CD1 1 
HETATM 24  C CD2 . DLE A 1 4  ? -9.411  -1.655  -6.825  1.00 27.69 ? 4    DLE A CD2 1 
HETATM 25  C C   . DLE A 1 4  ? -10.190 -1.247  -2.087  1.00 18.07 ? 4    DLE A C   1 
HETATM 26  O O   . DLE A 1 4  ? -10.837 -2.258  -1.767  1.00 18.37 ? 4    DLE A O   1 
ATOM   27  N N   . ALA A 1 5  ? -9.187  -0.776  -1.352  1.00 13.70 ? 5    ALA A N   1 
ATOM   28  C CA  . ALA A 1 5  ? -8.898  -1.387  -0.073  1.00 14.75 ? 5    ALA A CA  1 
ATOM   29  C C   . ALA A 1 5  ? -8.235  -0.310  0.751   1.00 13.62 ? 5    ALA A C   1 
ATOM   30  O O   . ALA A 1 5  ? -7.008  -0.188  0.738   1.00 13.38 ? 5    ALA A O   1 
ATOM   31  C CB  . ALA A 1 5  ? -7.938  -2.601  -0.234  1.00 16.16 ? 5    ALA A CB  1 
HETATM 32  N N   . DVA A 1 6  ? -9.019  0.508   1.448   1.00 13.14 ? 6    DVA A N   1 
HETATM 33  C CA  A DVA A 1 6  ? -8.412  1.532   2.278   0.60 12.67 ? 6    DVA A CA  1 
HETATM 34  C CA  B DVA A 1 6  ? -8.460  1.526   2.326   0.40 13.04 ? 6    DVA A CA  1 
HETATM 35  C CB  A DVA A 1 6  ? -8.720  1.350   3.771   0.60 14.15 ? 6    DVA A CB  1 
HETATM 36  C CB  B DVA A 1 6  ? -9.014  1.384   3.745   0.40 13.86 ? 6    DVA A CB  1 
HETATM 37  C CG1 A DVA A 1 6  ? -8.223  -0.042  4.262   0.60 16.22 ? 6    DVA A CG1 1 
HETATM 38  C CG1 B DVA A 1 6  ? -8.619  2.586   4.585   0.40 14.08 ? 6    DVA A CG1 1 
HETATM 39  C CG2 A DVA A 1 6  ? -10.208 1.539   4.078   0.60 11.70 ? 6    DVA A CG2 1 
HETATM 40  C CG2 B DVA A 1 6  ? -8.519  0.071   4.390   0.40 15.84 ? 6    DVA A CG2 1 
HETATM 41  C C   . DVA A 1 6  ? -8.830  2.906   1.791   1.00 12.63 ? 6    DVA A C   1 
HETATM 42  O O   . DVA A 1 6  ? -9.867  3.075   1.197   1.00 12.59 ? 6    DVA A O   1 
ATOM   43  N N   . VAL A 1 7  ? -7.960  3.878   2.000   1.00 12.06 ? 7    VAL A N   1 
ATOM   44  C CA  . VAL A 1 7  ? -8.241  5.261   1.689   1.00 12.77 ? 7    VAL A CA  1 
ATOM   45  C C   . VAL A 1 7  ? -6.966  5.898   1.105   1.00 13.04 ? 7    VAL A C   1 
ATOM   46  O O   . VAL A 1 7  ? -5.902  5.923   1.756   1.00 14.45 ? 7    VAL A O   1 
ATOM   47  C CB  . VAL A 1 7  ? -8.664  6.025   2.991   1.00 15.29 ? 7    VAL A CB  1 
ATOM   48  C CG1 . VAL A 1 7  ? -8.496  7.521   2.786   1.00 18.24 ? 7    VAL A CG1 1 
ATOM   49  C CG2 . VAL A 1 7  ? -10.155 5.657   3.406   1.00 17.84 ? 7    VAL A CG2 1 
HETATM 50  N N   . DVA A 1 8  ? -7.063  6.500   -0.082  1.00 11.95 ? 8    DVA A N   1 
HETATM 51  C CA  . DVA A 1 8  ? -5.988  7.280   -0.672  1.00 12.75 ? 8    DVA A CA  1 
HETATM 52  C CB  . DVA A 1 8  ? -6.598  8.331   -1.652  1.00 12.48 ? 8    DVA A CB  1 
HETATM 53  C CG1 . DVA A 1 8  ? -5.480  9.037   -2.444  1.00 18.65 ? 8    DVA A CG1 1 
HETATM 54  C CG2 . DVA A 1 8  ? -7.424  9.309   -0.886  1.00 17.30 ? 8    DVA A CG2 1 
HETATM 55  C C   . DVA A 1 8  ? -5.028  6.418   -1.495  1.00 14.37 ? 8    DVA A C   1 
HETATM 56  O O   . DVA A 1 8  ? -5.488  5.602   -2.350  1.00 14.65 ? 8    DVA A O   1 
ATOM   57  N N   . TRP A 1 9  ? -3.706  6.565   -1.239  1.00 11.73 ? 9    TRP A N   1 
ATOM   58  C CA  . TRP A 1 9  ? -2.710  5.715   -1.875  1.00 12.36 ? 9    TRP A CA  1 
ATOM   59  C C   . TRP A 1 9  ? -1.445  5.769   -1.038  1.00 11.62 ? 9    TRP A C   1 
ATOM   60  O O   . TRP A 1 9  ? -0.716  6.801   -1.044  1.00 11.97 ? 9    TRP A O   1 
ATOM   61  C CB  . TRP A 1 9  ? -2.343  6.193   -3.301  1.00 12.59 ? 9    TRP A CB  1 
ATOM   62  C CG  . TRP A 1 9  ? -1.316  5.285   -4.043  1.00 15.01 ? 9    TRP A CG  1 
ATOM   63  C CD1 . TRP A 1 9  ? -1.425  3.945   -4.313  1.00 14.81 ? 9    TRP A CD1 1 
ATOM   64  C CD2 . TRP A 1 9  ? -0.022  5.681   -4.535  1.00 14.21 ? 9    TRP A CD2 1 
ATOM   65  N NE1 . TRP A 1 9  ? -0.300  3.517   -5.018  1.00 16.33 ? 9    TRP A NE1 1 
ATOM   66  C CE2 . TRP A 1 9  ? 0.567   4.568   -5.141  1.00 17.02 ? 9    TRP A CE2 1 
ATOM   67  C CE3 . TRP A 1 9  ? 0.647   6.883   -4.579  1.00 19.38 ? 9    TRP A CE3 1 
ATOM   68  C CZ2 . TRP A 1 9  ? 1.841   4.617   -5.748  1.00 20.33 ? 9    TRP A CZ2 1 
ATOM   69  C CZ3 . TRP A 1 9  ? 1.897   6.947   -5.224  1.00 23.51 ? 9    TRP A CZ3 1 
ATOM   70  C CH2 . TRP A 1 9  ? 2.461   5.826   -5.815  1.00 20.31 ? 9    TRP A CH2 1 
HETATM 71  N N   . DLE A 1 10 ? -1.162  4.669   -0.348  1.00 9.48  ? 10   DLE A N   1 
HETATM 72  C CA  . DLE A 1 10 ? 0.101   4.569   0.390   1.00 9.85  ? 10   DLE A CA  1 
HETATM 73  C CB  . DLE A 1 10 ? 0.981   3.450   -0.224  1.00 11.81 ? 10   DLE A CB  1 
HETATM 74  C CG  . DLE A 1 10 ? 1.386   3.764   -1.668  1.00 12.57 ? 10   DLE A CG  1 
HETATM 75  C CD1 . DLE A 1 10 ? 2.176   2.571   -2.179  1.00 18.20 ? 10   DLE A CD1 1 
HETATM 76  C CD2 . DLE A 1 10 ? 2.318   5.012   -1.799  1.00 14.67 ? 10   DLE A CD2 1 
HETATM 77  C C   . DLE A 1 10 ? -0.124  4.270   1.853   1.00 9.82  ? 10   DLE A C   1 
HETATM 78  O O   . DLE A 1 10 ? -0.948  3.430   2.213   1.00 10.48 ? 10   DLE A O   1 
ATOM   79  N N   . TRP A 1 11 ? 0.689   4.902   2.709   1.00 8.17  ? 11   TRP A N   1 
ATOM   80  C CA  . TRP A 1 11 ? 0.729   4.544   4.105   1.00 9.17  ? 11   TRP A CA  1 
ATOM   81  C C   . TRP A 1 11 ? 1.373   5.717   4.829   1.00 11.45 ? 11   TRP A C   1 
ATOM   82  O O   . TRP A 1 11 ? 2.610   5.764   4.972   1.00 10.50 ? 11   TRP A O   1 
ATOM   83  C CB  . TRP A 1 11 ? 1.608   3.305   4.228   1.00 10.84 ? 11   TRP A CB  1 
ATOM   84  C CG  . TRP A 1 11 ? 1.678   2.671   5.549   1.00 11.05 ? 11   TRP A CG  1 
ATOM   85  C CD1 . TRP A 1 11 ? 2.220   3.212   6.694   1.00 12.93 ? 11   TRP A CD1 1 
ATOM   86  C CD2 . TRP A 1 11 ? 1.427   1.271   5.852   1.00 9.89  ? 11   TRP A CD2 1 
ATOM   87  N NE1 . TRP A 1 11 ? 2.232   2.270   7.703   1.00 14.89 ? 11   TRP A NE1 1 
ATOM   88  C CE2 . TRP A 1 11 ? 1.756   1.072   7.217   1.00 12.47 ? 11   TRP A CE2 1 
ATOM   89  C CE3 . TRP A 1 11 ? 0.907   0.215   5.122   1.00 12.10 ? 11   TRP A CE3 1 
ATOM   90  C CZ2 . TRP A 1 11 ? 1.651   -0.182  7.855   1.00 12.20 ? 11   TRP A CZ2 1 
ATOM   91  C CZ3 . TRP A 1 11 ? 0.713   -0.991  5.743   1.00 12.84 ? 11   TRP A CZ3 1 
ATOM   92  C CH2 . TRP A 1 11 ? 1.122   -1.204  7.112   1.00 12.11 ? 11   TRP A CH2 1 
HETATM 93  N N   . DLE A 1 12 ? 0.531   6.657   5.262   1.00 7.92  ? 12   DLE A N   1 
HETATM 94  C CA  . DLE A 1 12 ? 1.044   7.826   5.990   1.00 10.11 ? 12   DLE A CA  1 
HETATM 95  C CB  . DLE A 1 12 ? 0.326   7.967   7.332   1.00 8.86  ? 12   DLE A CB  1 
HETATM 96  C CG  . DLE A 1 12 ? 0.712   6.941   8.388   1.00 14.77 ? 12   DLE A CG  1 
HETATM 97  C CD1 . DLE A 1 12 ? 2.187   7.248   8.814   1.00 15.42 ? 12   DLE A CD1 1 
HETATM 98  C CD2 . DLE A 1 12 ? -0.279  7.012   9.593   1.00 14.86 ? 12   DLE A CD2 1 
HETATM 99  C C   . DLE A 1 12 ? 0.839   9.103   5.220   1.00 9.49  ? 12   DLE A C   1 
HETATM 100 O O   . DLE A 1 12 ? -0.219  9.340   4.655   1.00 11.39 ? 12   DLE A O   1 
ATOM   101 N N   . TRP A 1 13 ? 1.873   9.940   5.219   1.00 10.72 ? 13   TRP A N   1 
ATOM   102 C CA  . TRP A 1 13 ? 1.741   11.282  4.666   1.00 11.17 ? 13   TRP A CA  1 
ATOM   103 C C   . TRP A 1 13 ? 3.142   11.818  4.255   1.00 13.31 ? 13   TRP A C   1 
ATOM   104 O O   . TRP A 1 13 ? 3.852   12.359  5.097   1.00 13.90 ? 13   TRP A O   1 
ATOM   105 C CB  . TRP A 1 13 ? 1.054   12.204  5.703   1.00 12.51 ? 13   TRP A CB  1 
ATOM   106 C CG  . TRP A 1 13 ? 0.626   13.473  5.131   1.00 12.95 ? 13   TRP A CG  1 
ATOM   107 C CD1 . TRP A 1 13 ? 1.359   14.607  4.984   1.00 18.15 ? 13   TRP A CD1 1 
ATOM   108 C CD2 . TRP A 1 13 ? -0.627  13.693  4.487   1.00 13.17 ? 13   TRP A CD2 1 
ATOM   109 N NE1 . TRP A 1 13 ? 0.599   15.570  4.311   1.00 21.89 ? 13   TRP A NE1 1 
ATOM   110 C CE2 . TRP A 1 13 ? -0.635  15.029  4.022   1.00 18.88 ? 13   TRP A CE2 1 
ATOM   111 C CE3 . TRP A 1 13 ? -1.767  12.903  4.320   1.00 16.16 ? 13   TRP A CE3 1 
ATOM   112 C CZ2 . TRP A 1 13 ? -1.731  15.570  3.329   1.00 20.43 ? 13   TRP A CZ2 1 
ATOM   113 C CZ3 . TRP A 1 13 ? -2.883  13.449  3.657   1.00 22.27 ? 13   TRP A CZ3 1 
ATOM   114 C CH2 . TRP A 1 13 ? -2.835  14.776  3.165   1.00 23.11 ? 13   TRP A CH2 1 
HETATM 115 N N   . DLE A 1 14 ? 3.573   11.561  3.029   1.00 12.77 ? 14   DLE A N   1 
HETATM 116 C CA  . DLE A 1 14 ? 4.810   12.186  2.517   1.00 12.42 ? 14   DLE A CA  1 
HETATM 117 C CB  . DLE A 1 14 ? 4.432   13.194  1.427   1.00 14.64 ? 14   DLE A CB  1 
HETATM 118 C CG  . DLE A 1 14 ? 3.576   14.371  1.895   1.00 16.36 ? 14   DLE A CG  1 
HETATM 119 C CD1 . DLE A 1 14 ? 3.034   15.113  0.644   1.00 22.17 ? 14   DLE A CD1 1 
HETATM 120 C CD2 . DLE A 1 14 ? 4.357   15.300  2.812   1.00 17.52 ? 14   DLE A CD2 1 
HETATM 121 C C   . DLE A 1 14 ? 5.780   11.136  1.908   1.00 15.15 ? 14   DLE A C   1 
HETATM 122 O O   . DLE A 1 14 ? 5.330   10.310  1.104   1.00 14.25 ? 14   DLE A O   1 
ATOM   123 N N   . TRP A 1 15 ? 7.050   11.170  2.311   1.00 11.40 ? 15   TRP A N   1 
ATOM   124 C CA  . TRP A 1 15 ? 8.113   10.312  1.742   1.00 14.26 ? 15   TRP A CA  1 
ATOM   125 C C   . TRP A 1 15 ? 9.308   10.337  2.680   1.00 13.44 ? 15   TRP A C   1 
ATOM   126 O O   . TRP A 1 15 ? 10.230  11.127  2.536   1.00 15.72 ? 15   TRP A O   1 
ATOM   127 C CB  . TRP A 1 15 ? 8.531   10.799  0.343   1.00 15.52 ? 15   TRP A CB  1 
ATOM   128 C CG  . TRP A 1 15 ? 9.358   9.695   -0.419  1.00 22.22 ? 15   TRP A CG  1 
ATOM   129 C CD1 . TRP A 1 15 ? 10.736  9.596   -0.526  1.00 29.12 ? 15   TRP A CD1 1 
ATOM   130 C CD2 . TRP A 1 15 ? 8.830   8.552   -1.097  1.00 23.65 ? 15   TRP A CD2 1 
ATOM   131 N NE1 . TRP A 1 15 ? 11.073  8.450   -1.232  1.00 28.74 ? 15   TRP A NE1 1 
ATOM   132 C CE2 . TRP A 1 15 ? 9.927   7.813   -1.611  1.00 28.03 ? 15   TRP A CE2 1 
ATOM   133 C CE3 . TRP A 1 15 ? 7.538   8.098   -1.349  1.00 29.11 ? 15   TRP A CE3 1 
ATOM   134 C CZ2 . TRP A 1 15 ? 9.757   6.639   -2.361  1.00 29.10 ? 15   TRP A CZ2 1 
ATOM   135 C CZ3 . TRP A 1 15 ? 7.354   6.914   -2.130  1.00 33.12 ? 15   TRP A CZ3 1 
ATOM   136 C CH2 . TRP A 1 15 ? 8.467   6.198   -2.593  1.00 29.04 ? 15   TRP A CH2 1 
HETATM 137 C CA  . ETA A 1 16 ? 10.125  9.198   4.683   1.00 15.37 ? 16   ETA A CA  1 
HETATM 138 N N   . ETA A 1 16 ? 9.124   9.484   3.673   1.00 13.18 ? 16   ETA A N   1 
HETATM 139 C C   . ETA A 1 16 ? 9.782   9.897   6.010   1.00 16.88 ? 16   ETA A C   1 
HETATM 140 O O   . ETA A 1 16 ? 8.956   8.865   6.654   1.00 17.81 ? 16   ETA A O   1 
HETATM 141 C C   . FVA B 1 1  ? 8.208   13.778  4.987   1.00 15.22 ? 1    FVA B C   1 
HETATM 142 N N   . FVA B 1 1  ? 10.443  13.297  4.239   1.00 13.77 ? 1    FVA B N   1 
HETATM 143 O O   . FVA B 1 1  ? 7.703   12.777  4.503   1.00 14.24 ? 1    FVA B O   1 
HETATM 144 C CA  . FVA B 1 1  ? 9.487   14.359  4.329   1.00 15.41 ? 1    FVA B CA  1 
HETATM 145 C CB  . FVA B 1 1  ? 9.213   14.794  2.897   1.00 16.94 ? 1    FVA B CB  1 
HETATM 146 C CG1 . FVA B 1 1  ? 8.007   15.685  2.790   1.00 20.54 ? 1    FVA B CG1 1 
HETATM 147 C CG2 . FVA B 1 1  ? 10.544  15.450  2.299   1.00 19.58 ? 1    FVA B CG2 1 
HETATM 148 O O1  . FVA B 1 1  ? 11.776  14.127  5.801   1.00 16.43 ? 1    FVA B O1  1 
HETATM 149 C CN  . FVA B 1 1  ? 11.475  13.195  5.041   1.00 16.64 ? 1    FVA B CN  1 
ATOM   150 N N   . GLY B 1 2  ? 7.742   14.317  6.118   1.00 13.14 ? 2    GLY B N   1 
ATOM   151 C CA  . GLY B 1 2  ? 6.516   13.760  6.741   1.00 12.55 ? 2    GLY B CA  1 
ATOM   152 C C   . GLY B 1 2  ? 6.755   12.397  7.340   1.00 11.60 ? 2    GLY B C   1 
ATOM   153 O O   . GLY B 1 2  ? 7.703   12.209  8.040   1.00 10.62 ? 2    GLY B O   1 
ATOM   154 N N   . ALA B 1 3  ? 5.829   11.449  7.131   1.00 8.72  ? 3    ALA B N   1 
ATOM   155 C CA  . ALA B 1 3  ? 5.944   10.140  7.760   1.00 11.37 ? 3    ALA B CA  1 
ATOM   156 C C   . ALA B 1 3  ? 5.417   9.108   6.743   1.00 12.83 ? 3    ALA B C   1 
ATOM   157 O O   . ALA B 1 3  ? 4.244   9.137   6.354   1.00 14.82 ? 3    ALA B O   1 
ATOM   158 C CB  . ALA B 1 3  ? 5.105   10.108  9.018   1.00 12.31 ? 3    ALA B CB  1 
HETATM 159 N N   . DLE B 1 4  ? 6.266   8.165   6.368   1.00 10.75 ? 4    DLE B N   1 
HETATM 160 C CA  . DLE B 1 4  ? 5.806   6.983   5.615   1.00 11.31 ? 4    DLE B CA  1 
HETATM 161 C CB  . DLE B 1 4  ? 6.769   5.800   5.955   1.00 13.28 ? 4    DLE B CB  1 
HETATM 162 C CG  . DLE B 1 4  ? 6.720   4.607   4.938   1.00 16.73 ? 4    DLE B CG  1 
HETATM 163 C CD1 . DLE B 1 4  ? 7.958   3.647   5.079   1.00 15.69 ? 4    DLE B CD1 1 
HETATM 164 C CD2 . DLE B 1 4  ? 5.483   3.900   5.313   1.00 20.09 ? 4    DLE B CD2 1 
HETATM 165 C C   . DLE B 1 4  ? 5.886   7.284   4.122   1.00 12.64 ? 4    DLE B C   1 
HETATM 166 O O   . DLE B 1 4  ? 6.929   7.829   3.668   1.00 12.03 ? 4    DLE B O   1 
ATOM   167 N N   . ALA B 1 5  ? 4.863   6.967   3.336   1.00 12.00 ? 5    ALA B N   1 
ATOM   168 C CA  . ALA B 1 5  ? 4.925   7.143   1.870   1.00 13.24 ? 5    ALA B CA  1 
ATOM   169 C C   . ALA B 1 5  ? 3.512   7.367   1.401   1.00 12.85 ? 5    ALA B C   1 
ATOM   170 O O   . ALA B 1 5  ? 2.616   6.557   1.696   1.00 16.09 ? 5    ALA B O   1 
ATOM   171 C CB  . ALA B 1 5  ? 5.489   5.844   1.201   1.00 13.51 ? 5    ALA B CB  1 
HETATM 172 N N   . DVA B 1 6  ? 3.352   8.360   0.557   1.00 12.47 ? 6    DVA B N   1 
HETATM 173 C CA  A DVA B 1 6  ? 2.086   8.591   -0.186  0.70 11.56 ? 6    DVA B CA  1 
HETATM 174 C CA  B DVA B 1 6  ? 2.087   8.545   -0.157  0.30 12.59 ? 6    DVA B CA  1 
HETATM 175 C CB  A DVA B 1 6  ? 2.306   9.350   -1.531  0.70 11.77 ? 6    DVA B CB  1 
HETATM 176 C CB  B DVA B 1 6  ? 2.341   9.139   -1.575  0.30 12.79 ? 6    DVA B CB  1 
HETATM 177 C CG1 A DVA B 1 6  ? 2.744   10.791  -1.292  0.70 11.00 ? 6    DVA B CG1 1 
HETATM 178 C CG1 B DVA B 1 6  ? 1.103   9.781   -2.162  0.30 11.45 ? 6    DVA B CG1 1 
HETATM 179 C CG2 A DVA B 1 6  ? 3.319   8.603   -2.402  0.70 11.84 ? 6    DVA B CG2 1 
HETATM 180 C CG2 B DVA B 1 6  ? 3.534   10.091  -1.566  0.30 14.10 ? 6    DVA B CG2 1 
HETATM 181 C C   . DVA B 1 6  ? 1.091   9.342   0.716   1.00 13.21 ? 6    DVA B C   1 
HETATM 182 O O   . DVA B 1 6  ? 1.519   10.153  1.581   1.00 14.30 ? 6    DVA B O   1 
ATOM   183 N N   . VAL B 1 7  ? -0.200  9.066   0.575   1.00 12.21 ? 7    VAL B N   1 
ATOM   184 C CA  . VAL B 1 7  ? -1.168  9.772   1.395   1.00 13.48 ? 7    VAL B CA  1 
ATOM   185 C C   . VAL B 1 7  ? -2.297  8.789   1.751   1.00 13.95 ? 7    VAL B C   1 
ATOM   186 O O   . VAL B 1 7  ? -3.035  8.348   0.876   1.00 15.96 ? 7    VAL B O   1 
ATOM   187 C CB  . VAL B 1 7  ? -1.755  11.051  0.706   1.00 15.46 ? 7    VAL B CB  1 
ATOM   188 C CG1 . VAL B 1 7  ? -0.716  12.180  0.671   1.00 17.84 ? 7    VAL B CG1 1 
ATOM   189 C CG2 . VAL B 1 7  ? -2.235  10.779  -0.678  1.00 18.08 ? 7    VAL B CG2 1 
HETATM 190 N N   . DVA B 1 8  ? -2.491  8.531   3.036   1.00 12.89 ? 8    DVA B N   1 
HETATM 191 C CA  . DVA B 1 8  ? -3.648  7.744   3.460   1.00 12.94 ? 8    DVA B CA  1 
HETATM 192 C CB  . DVA B 1 8  ? -4.491  8.470   4.529   1.00 15.26 ? 8    DVA B CB  1 
HETATM 193 C CG1 . DVA B 1 8  ? -5.013  9.824   3.909   1.00 19.77 ? 8    DVA B CG1 1 
HETATM 194 C CG2 . DVA B 1 8  ? -3.658  8.750   5.718   1.00 19.75 ? 8    DVA B CG2 1 
HETATM 195 C C   . DVA B 1 8  ? -3.201  6.410   3.995   1.00 13.40 ? 8    DVA B C   1 
HETATM 196 O O   . DVA B 1 8  ? -2.156  6.295   4.652   1.00 14.88 ? 8    DVA B O   1 
ATOM   197 N N   . TRP B 1 9  ? -4.011  5.386   3.755   1.00 9.36  ? 9    TRP B N   1 
ATOM   198 C CA  . TRP B 1 9  ? -3.659  4.068   4.195   1.00 9.91  ? 9    TRP B CA  1 
ATOM   199 C C   . TRP B 1 9  ? -4.374  3.119   3.287   1.00 9.28  ? 9    TRP B C   1 
ATOM   200 O O   . TRP B 1 9  ? -5.565  2.869   3.474   1.00 10.97 ? 9    TRP B O   1 
ATOM   201 C CB  . TRP B 1 9  ? -4.067  3.818   5.649   1.00 10.89 ? 9    TRP B CB  1 
ATOM   202 C CG  . TRP B 1 9  ? -3.357  2.606   6.215   1.00 10.30 ? 9    TRP B CG  1 
ATOM   203 C CD1 . TRP B 1 9  ? -2.041  2.515   6.613   1.00 10.18 ? 9    TRP B CD1 1 
ATOM   204 C CD2 . TRP B 1 9  ? -3.906  1.300   6.361   1.00 11.97 ? 9    TRP B CD2 1 
ATOM   205 N NE1 . TRP B 1 9  ? -1.752  1.227   7.036   1.00 13.68 ? 9    TRP B NE1 1 
ATOM   206 C CE2 . TRP B 1 9  ? -2.864  0.451   6.852   1.00 13.87 ? 9    TRP B CE2 1 
ATOM   207 C CE3 . TRP B 1 9  ? -5.172  0.747   6.124   1.00 16.14 ? 9    TRP B CE3 1 
ATOM   208 C CZ2 . TRP B 1 9  ? -3.052  -0.916  7.097   1.00 12.57 ? 9    TRP B CZ2 1 
ATOM   209 C CZ3 . TRP B 1 9  ? -5.367  -0.628  6.384   1.00 16.59 ? 9    TRP B CZ3 1 
ATOM   210 C CH2 . TRP B 1 9  ? -4.310  -1.432  6.881   1.00 15.90 ? 9    TRP B CH2 1 
HETATM 211 N N   . DLE B 1 10 ? -3.613  2.510   2.373   1.00 9.30  ? 10   DLE B N   1 
HETATM 212 C CA  . DLE B 1 10 ? -4.184  1.500   1.441   1.00 10.25 ? 10   DLE B CA  1 
HETATM 213 C CB  . DLE B 1 10 ? -3.285  0.267   1.340   1.00 10.15 ? 10   DLE B CB  1 
HETATM 214 C CG  . DLE B 1 10 ? -3.160  -0.462  2.709   1.00 13.64 ? 10   DLE B CG  1 
HETATM 215 C CD1 . DLE B 1 10 ? -2.048  -1.436  2.686   1.00 17.54 ? 10   DLE B CD1 1 
HETATM 216 C CD2 . DLE B 1 10 ? -4.458  -1.147  2.960   1.00 25.37 ? 10   DLE B CD2 1 
HETATM 217 C C   . DLE B 1 10 ? -4.320  2.126   0.064   1.00 12.25 ? 10   DLE B C   1 
HETATM 218 O O   . DLE B 1 10 ? -3.419  2.868   -0.389  1.00 12.35 ? 10   DLE B O   1 
ATOM   219 N N   . TRP B 1 11 ? -5.468  1.892   -0.595  1.00 12.14 ? 11   TRP B N   1 
ATOM   220 C CA  . TRP B 1 11 ? -5.604  2.282   -2.006  1.00 13.90 ? 11   TRP B CA  1 
ATOM   221 C C   . TRP B 1 11 ? -7.120  2.452   -2.289  1.00 14.70 ? 11   TRP B C   1 
ATOM   222 O O   . TRP B 1 11 ? -7.937  1.517   -2.079  1.00 16.68 ? 11   TRP B O   1 
ATOM   223 C CB  . TRP B 1 11 ? -5.004  1.185   -2.884  1.00 17.94 ? 11   TRP B CB  1 
ATOM   224 C CG  . TRP B 1 11 ? -4.808  1.550   -4.307  1.00 26.66 ? 11   TRP B CG  1 
ATOM   225 C CD1 . TRP B 1 11 ? -4.698  2.809   -4.853  1.00 32.22 ? 11   TRP B CD1 1 
ATOM   226 C CD2 . TRP B 1 11 ? -4.598  0.619   -5.379  1.00 34.46 ? 11   TRP B CD2 1 
ATOM   227 N NE1 . TRP B 1 11 ? -4.458  2.711   -6.222  1.00 38.44 ? 11   TRP B NE1 1 
ATOM   228 C CE2 . TRP B 1 11 ? -4.384  1.381   -6.564  1.00 36.58 ? 11   TRP B CE2 1 
ATOM   229 C CE3 . TRP B 1 11 ? -4.588  -0.784  -5.456  1.00 38.73 ? 11   TRP B CE3 1 
ATOM   230 C CZ2 . TRP B 1 11 ? -4.157  0.774   -7.823  1.00 38.45 ? 11   TRP B CZ2 1 
ATOM   231 C CZ3 . TRP B 1 11 ? -4.348  -1.394  -6.712  1.00 38.38 ? 11   TRP B CZ3 1 
ATOM   232 C CH2 . TRP B 1 11 ? -4.136  -0.604  -7.871  1.00 39.34 ? 11   TRP B CH2 1 
HETATM 233 N N   . DLE B 1 12 ? -7.507  3.677   -2.634  1.00 13.42 ? 12   DLE B N   1 
HETATM 234 C CA  . DLE B 1 12 ? -8.888  3.937   -3.131  1.00 13.99 ? 12   DLE B CA  1 
HETATM 235 C CB  . DLE B 1 12 ? -8.814  4.919   -4.307  1.00 15.66 ? 12   DLE B CB  1 
HETATM 236 C CG  . DLE B 1 12 ? -10.158 5.219   -4.990  1.00 15.10 ? 12   DLE B CG  1 
HETATM 237 C CD1 . DLE B 1 12 ? -9.861  6.213   -6.125  1.00 16.56 ? 12   DLE B CD1 1 
HETATM 238 C CD2 . DLE B 1 12 ? -10.915 3.923   -5.491  1.00 14.78 ? 12   DLE B CD2 1 
HETATM 239 C C   . DLE B 1 12 ? -9.749  4.567   -2.070  1.00 13.16 ? 12   DLE B C   1 
HETATM 240 O O   . DLE B 1 12 ? -9.371  5.600   -1.527  1.00 14.09 ? 12   DLE B O   1 
ATOM   241 N N   . TRP B 1 13 ? -10.957 4.038   -1.869  1.00 12.96 ? 13   TRP B N   1 
ATOM   242 C CA  . TRP B 1 13 ? -11.891 4.596   -0.916  1.00 14.51 ? 13   TRP B CA  1 
ATOM   243 C C   . TRP B 1 13 ? -12.885 3.516   -0.530  1.00 16.72 ? 13   TRP B C   1 
ATOM   244 O O   . TRP B 1 13 ? -14.006 3.466   -1.084  1.00 15.71 ? 13   TRP B O   1 
ATOM   245 C CB  . TRP B 1 13 ? -12.664 5.822   -1.504  1.00 13.97 ? 13   TRP B CB  1 
ATOM   246 C CG  . TRP B 1 13 ? -13.444 6.575   -0.492  1.00 13.03 ? 13   TRP B CG  1 
ATOM   247 C CD1 . TRP B 1 13 ? -14.810 6.525   -0.299  1.00 14.56 ? 13   TRP B CD1 1 
ATOM   248 C CD2 . TRP B 1 13 ? -12.958 7.525   0.428   1.00 13.50 ? 13   TRP B CD2 1 
ATOM   249 N NE1 . TRP B 1 13 ? -15.162 7.318   0.763   1.00 17.19 ? 13   TRP B NE1 1 
ATOM   250 C CE2 . TRP B 1 13 ? -14.053 8.003   1.169   1.00 15.64 ? 13   TRP B CE2 1 
ATOM   251 C CE3 . TRP B 1 13 ? -11.704 8.072   0.669   1.00 19.66 ? 13   TRP B CE3 1 
ATOM   252 C CZ2 . TRP B 1 13 ? -13.921 8.946   2.163   1.00 20.75 ? 13   TRP B CZ2 1 
ATOM   253 C CZ3 . TRP B 1 13 ? -11.585 9.053   1.653   1.00 22.88 ? 13   TRP B CZ3 1 
ATOM   254 C CH2 . TRP B 1 13 ? -12.679 9.470   2.380   1.00 22.79 ? 13   TRP B CH2 1 
HETATM 255 N N   . DLE B 1 14 ? -12.537 2.693   0.470   1.00 14.93 ? 14   DLE B N   1 
HETATM 256 C CA  . DLE B 1 14 ? -13.528 1.702   0.941   1.00 16.62 ? 14   DLE B CA  1 
HETATM 257 C CB  . DLE B 1 14 ? -13.929 1.957   2.376   1.00 18.69 ? 14   DLE B CB  1 
HETATM 258 C CG  . DLE B 1 14 ? -14.421 3.376   2.717   1.00 19.89 ? 14   DLE B CG  1 
HETATM 259 C CD1 . DLE B 1 14 ? -14.559 3.592   4.222   1.00 29.22 ? 14   DLE B CD1 1 
HETATM 260 C CD2 . DLE B 1 14 ? -15.751 3.609   1.971   1.00 25.72 ? 14   DLE B CD2 1 
HETATM 261 C C   . DLE B 1 14 ? -12.973 0.282   0.810   1.00 18.32 ? 14   DLE B C   1 
HETATM 262 O O   . DLE B 1 14 ? -11.752 0.076   0.886   1.00 16.90 ? 14   DLE B O   1 
ATOM   263 N N   . TRP B 1 15 ? -13.843 -0.674  0.498   1.00 18.85 ? 15   TRP B N   1 
ATOM   264 C CA  . TRP B 1 15 ? -13.413 -2.064  0.395   1.00 21.18 ? 15   TRP B CA  1 
ATOM   265 C C   . TRP B 1 15 ? -14.296 -2.819  -0.614  1.00 23.34 ? 15   TRP B C   1 
ATOM   266 O O   . TRP B 1 15 ? -15.486 -3.013  -0.368  1.00 26.60 ? 15   TRP B O   1 
ATOM   267 C CB  . TRP B 1 15 ? -13.542 -2.689  1.773   1.00 22.55 ? 15   TRP B CB  1 
ATOM   268 C CG  . TRP B 1 15 ? -12.929 -4.000  1.864   1.00 32.85 ? 15   TRP B CG  1 
ATOM   269 C CD1 . TRP B 1 15 ? -13.554 -5.216  1.684   1.00 40.25 ? 15   TRP B CD1 1 
ATOM   270 C CD2 . TRP B 1 15 ? -11.564 -4.280  2.131   1.00 37.00 ? 15   TRP B CD2 1 
ATOM   271 N NE1 . TRP B 1 15 ? -12.638 -6.235  1.808   1.00 43.24 ? 15   TRP B NE1 1 
ATOM   272 C CE2 . TRP B 1 15 ? -11.410 -5.689  2.092   1.00 43.09 ? 15   TRP B CE2 1 
ATOM   273 C CE3 . TRP B 1 15 ? -10.452 -3.488  2.406   1.00 43.16 ? 15   TRP B CE3 1 
ATOM   274 C CZ2 . TRP B 1 15 ? -10.186 -6.312  2.328   1.00 45.65 ? 15   TRP B CZ2 1 
ATOM   275 C CZ3 . TRP B 1 15 ? -9.223  -4.111  2.613   1.00 45.00 ? 15   TRP B CZ3 1 
ATOM   276 C CH2 . TRP B 1 15 ? -9.101  -5.512  2.553   1.00 46.36 ? 15   TRP B CH2 1 
HETATM 277 C CA  . ETA B 1 16 ? -14.498 -3.429  -2.690  1.00 29.21 ? 16   ETA B CA  1 
HETATM 278 N N   . ETA B 1 16 ? -13.525 -3.147  -1.639  1.00 25.76 ? 16   ETA B N   1 
HETATM 279 C C   . ETA B 1 16 ? -13.736 -3.765  -3.993  1.00 29.32 ? 16   ETA B C   1 
HETATM 280 O O   . ETA B 1 16 ? -13.456 -2.518  -4.716  1.00 29.63 ? 16   ETA B O   1 
HETATM 281 C C   . FVA C 1 1  ? -6.692  -16.221 1.485   1.00 12.37 ? 1    FVA C C   1 
HETATM 282 N N   . FVA C 1 1  ? -6.635  -18.572 2.186   1.00 17.51 ? 1    FVA C N   1 
HETATM 283 O O   . FVA C 1 1  ? -5.581  -16.124 1.996   1.00 14.59 ? 1    FVA C O   1 
HETATM 284 C CA  . FVA C 1 1  ? -7.535  -17.475 1.757   1.00 13.97 ? 1    FVA C CA  1 
HETATM 285 C CB  . FVA C 1 1  ? -8.569  -17.199 2.897   1.00 12.34 ? 1    FVA C CB  1 
HETATM 286 C CG1 . FVA C 1 1  ? -9.453  -18.488 3.093   1.00 16.78 ? 1    FVA C CG1 1 
HETATM 287 C CG2 . FVA C 1 1  ? -7.876  -16.765 4.227   1.00 17.25 ? 1    FVA C CG2 1 
HETATM 288 O O1  . FVA C 1 1  ? -7.370  -20.038 0.619   0.50 17.02 ? 1    FVA C O1  1 
HETATM 289 C CN  . FVA C 1 1  ? -6.641  -19.773 1.587   0.50 16.96 ? 1    FVA C CN  1 
ATOM   290 N N   . GLY C 1 2  ? -7.234  -15.244 0.801   1.00 11.89 ? 2    GLY C N   1 
ATOM   291 C CA  . GLY C 1 2  ? -6.509  -13.969 0.653   1.00 13.67 ? 2    GLY C CA  1 
ATOM   292 C C   . GLY C 1 2  ? -6.376  -13.207 1.964   1.00 14.01 ? 2    GLY C C   1 
ATOM   293 O O   . GLY C 1 2  ? -7.202  -13.323 2.892   1.00 12.47 ? 2    GLY C O   1 
ATOM   294 N N   . ALA C 1 3  ? -5.325  -12.382 2.055   1.00 13.96 ? 3    ALA C N   1 
ATOM   295 C CA  . ALA C 1 3  ? -5.161  -11.585 3.268   1.00 14.22 ? 3    ALA C CA  1 
ATOM   296 C C   . ALA C 1 3  ? -4.698  -10.185 2.864   1.00 14.67 ? 3    ALA C C   1 
ATOM   297 O O   . ALA C 1 3  ? -3.728  -10.011 2.094   1.00 13.46 ? 3    ALA C O   1 
ATOM   298 C CB  . ALA C 1 3  ? -4.124  -12.218 4.194   1.00 14.71 ? 3    ALA C CB  1 
HETATM 299 N N   . DLE C 1 4  ? -5.385  -9.180  3.383   1.00 12.25 ? 4    DLE C N   1 
HETATM 300 C CA  . DLE C 1 4  ? -5.071  -7.794  3.014   1.00 13.42 ? 4    DLE C CA  1 
HETATM 301 C CB  . DLE C 1 4  ? -5.861  -6.781  3.865   1.00 13.07 ? 4    DLE C CB  1 
HETATM 302 C CG  . DLE C 1 4  ? -5.503  -5.297  3.810   1.00 18.00 ? 4    DLE C CG  1 
HETATM 303 C CD1 . DLE C 1 4  ? -6.471  -4.620  4.827   1.00 21.03 ? 4    DLE C CD1 1 
HETATM 304 C CD2 . DLE C 1 4  ? -4.110  -5.152  4.416   1.00 16.51 ? 4    DLE C CD2 1 
HETATM 305 C C   . DLE C 1 4  ? -5.277  -7.481  1.533   1.00 13.37 ? 4    DLE C C   1 
HETATM 306 O O   . DLE C 1 4  ? -6.298  -7.846  0.922   1.00 12.99 ? 4    DLE C O   1 
ATOM   307 N N   . ALA C 1 5  ? -4.284  -6.830  0.905   1.00 11.53 ? 5    ALA C N   1 
ATOM   308 C CA  . ALA C 1 5  ? -4.377  -6.485  -0.505  1.00 10.61 ? 5    ALA C CA  1 
ATOM   309 C C   . ALA C 1 5  ? -2.990  -6.238  -1.056  1.00 12.56 ? 5    ALA C C   1 
ATOM   310 O O   . ALA C 1 5  ? -2.436  -5.163  -0.837  1.00 11.29 ? 5    ALA C O   1 
ATOM   311 C CB  . ALA C 1 5  ? -5.262  -5.183  -0.754  1.00 12.85 ? 5    ALA C CB  1 
HETATM 312 N N   . DVA C 1 6  ? -2.492  -7.192  -1.834  1.00 12.80 ? 6    DVA C N   1 
HETATM 313 C CA  . DVA C 1 6  ? -1.206  -7.037  -2.523  1.00 13.65 ? 6    DVA C CA  1 
HETATM 314 C CB  . DVA C 1 6  ? -1.358  -6.812  -4.017  1.00 16.00 ? 6    DVA C CB  1 
HETATM 315 C CG1 . DVA C 1 6  ? -2.053  -7.993  -4.702  1.00 16.75 ? 6    DVA C CG1 1 
HETATM 316 C CG2 . DVA C 1 6  ? -2.110  -5.523  -4.295  1.00 18.02 ? 6    DVA C CG2 1 
HETATM 317 C C   . DVA C 1 6  ? -0.305  -8.248  -2.278  1.00 14.15 ? 6    DVA C C   1 
HETATM 318 O O   . DVA C 1 6  ? -0.746  -9.298  -1.829  1.00 14.21 ? 6    DVA C O   1 
ATOM   319 N N   . VAL C 1 7  ? 0.980   -7.997  -2.378  1.00 9.66  ? 7    VAL C N   1 
ATOM   320 C CA  A VAL C 1 7  ? 2.002   -8.975  -2.075  0.60 11.85 ? 7    VAL C CA  1 
ATOM   321 C CA  B VAL C 1 7  ? 1.962   -8.967  -1.974  0.40 11.28 ? 7    VAL C CA  1 
ATOM   322 C C   . VAL C 1 7  ? 3.173   -8.257  -1.389  1.00 11.23 ? 7    VAL C C   1 
ATOM   323 O O   . VAL C 1 7  ? 3.815   -7.402  -2.021  1.00 14.39 ? 7    VAL C O   1 
ATOM   324 C CB  A VAL C 1 7  ? 2.485   -9.574  -3.404  0.60 11.23 ? 7    VAL C CB  1 
ATOM   325 C CB  B VAL C 1 7  ? 2.376   -9.874  -3.134  0.40 11.24 ? 7    VAL C CB  1 
ATOM   326 C CG1 A VAL C 1 7  ? 3.733   -10.441 -3.221  0.60 13.76 ? 7    VAL C CG1 1 
ATOM   327 C CG1 B VAL C 1 7  ? 2.742   -9.045  -4.359  0.40 10.99 ? 7    VAL C CG1 1 
ATOM   328 C CG2 A VAL C 1 7  ? 1.355   -10.377 -4.038  0.60 11.72 ? 7    VAL C CG2 1 
ATOM   329 C CG2 B VAL C 1 7  ? 3.497   -10.813 -2.695  0.40 10.51 ? 7    VAL C CG2 1 
HETATM 330 N N   . DVA C 1 8  ? 3.451   -8.586  -0.143  1.00 9.77  ? 8    DVA C N   1 
HETATM 331 C CA  . DVA C 1 8  ? 4.578   -7.958  0.521   1.00 10.87 ? 8    DVA C CA  1 
HETATM 332 C CB  A DVA C 1 8  ? 5.095   -8.906  1.641   0.50 10.59 ? 8    DVA C CB  1 
HETATM 333 C CB  B DVA C 1 8  ? 5.179   -8.857  1.595   0.50 11.17 ? 8    DVA C CB  1 
HETATM 334 C CG1 A DVA C 1 8  ? 6.196   -8.265  2.445   0.50 8.56  ? 8    DVA C CG1 1 
HETATM 335 C CG1 B DVA C 1 8  ? 6.477   -8.253  2.099   0.50 11.96 ? 8    DVA C CG1 1 
HETATM 336 C CG2 A DVA C 1 8  ? 3.950   -9.331  2.555   0.50 12.09 ? 8    DVA C CG2 1 
HETATM 337 C CG2 B DVA C 1 8  ? 5.407   -10.236 1.024   0.50 12.69 ? 8    DVA C CG2 1 
HETATM 338 C C   . DVA C 1 8  ? 4.119   -6.632  1.100   1.00 10.55 ? 8    DVA C C   1 
HETATM 339 O O   . DVA C 1 8  ? 3.091   -6.574  1.772   1.00 9.20  ? 8    DVA C O   1 
ATOM   340 N N   . TRP C 1 9  ? 4.946   -5.593  0.955   1.00 8.67  ? 9    TRP C N   1 
ATOM   341 C CA  . TRP C 1 9  ? 4.598   -4.322  1.548   1.00 8.95  ? 9    TRP C CA  1 
ATOM   342 C C   . TRP C 1 9  ? 5.245   -3.195  0.776   1.00 9.76  ? 9    TRP C C   1 
ATOM   343 O O   . TRP C 1 9  ? 6.488   -3.054  0.800   1.00 11.52 ? 9    TRP C O   1 
ATOM   344 C CB  . TRP C 1 9  ? 5.152   -4.301  2.971   1.00 9.12  ? 9    TRP C CB  1 
ATOM   345 C CG  . TRP C 1 9  ? 4.914   -3.027  3.700   1.00 12.51 ? 9    TRP C CG  1 
ATOM   346 C CD1 . TRP C 1 9  ? 3.687   -2.513  4.081   1.00 10.96 ? 9    TRP C CD1 1 
ATOM   347 C CD2 . TRP C 1 9  ? 5.918   -2.197  4.332   1.00 12.98 ? 9    TRP C CD2 1 
ATOM   348 N NE1 . TRP C 1 9  ? 3.897   -1.334  4.816   1.00 11.80 ? 9    TRP C NE1 1 
ATOM   349 C CE2 . TRP C 1 9  ? 5.236   -1.149  4.994   1.00 13.76 ? 9    TRP C CE2 1 
ATOM   350 C CE3 . TRP C 1 9  ? 7.322   -2.224  4.367   1.00 12.53 ? 9    TRP C CE3 1 
ATOM   351 C CZ2 . TRP C 1 9  ? 5.916   -0.119  5.704   1.00 17.47 ? 9    TRP C CZ2 1 
ATOM   352 C CZ3 . TRP C 1 9  ? 7.992   -1.188  5.078   1.00 13.32 ? 9    TRP C CZ3 1 
ATOM   353 C CH2 . TRP C 1 9  ? 7.288   -0.189  5.731   1.00 14.42 ? 9    TRP C CH2 1 
HETATM 354 N N   . DLE C 1 10 ? 4.446   -2.324  0.133   1.00 8.61  ? 10   DLE C N   1 
HETATM 355 C CA  . DLE C 1 10 ? 5.002   -1.077  -0.418  1.00 9.71  ? 10   DLE C CA  1 
HETATM 356 C CB  . DLE C 1 10 ? 4.297   0.129   0.276   1.00 11.21 ? 10   DLE C CB  1 
HETATM 357 C CG  . DLE C 1 10 ? 4.582   0.217   1.741   1.00 12.73 ? 10   DLE C CG  1 
HETATM 358 C CD1 . DLE C 1 10 ? 3.623   1.243   2.290   1.00 17.10 ? 10   DLE C CD1 1 
HETATM 359 C CD2 . DLE C 1 10 ? 6.008   0.689   1.866   1.00 17.00 ? 10   DLE C CD2 1 
HETATM 360 C C   . DLE C 1 10 ? 4.605   -0.987  -1.880  1.00 9.75  ? 10   DLE C C   1 
HETATM 361 O O   . DLE C 1 10 ? 3.411   -1.200  -2.256  1.00 10.45 ? 10   DLE C O   1 
ATOM   362 N N   . TRP C 1 11 ? 5.541   -0.514  -2.701  1.00 8.99  ? 11   TRP C N   1 
ATOM   363 C CA  . TRP C 1 11 ? 5.224   -0.305  -4.120  1.00 8.56  ? 11   TRP C CA  1 
ATOM   364 C C   . TRP C 1 11 ? 6.573   -0.277  -4.848  1.00 10.20 ? 11   TRP C C   1 
ATOM   365 O O   . TRP C 1 11 ? 7.112   0.807   -5.120  1.00 10.29 ? 11   TRP C O   1 
ATOM   366 C CB  . TRP C 1 11 ? 4.546   1.047   -4.329  1.00 9.49  ? 11   TRP C CB  1 
ATOM   367 C CG  . TRP C 1 11 ? 3.841   1.169   -5.669  1.00 13.95 ? 11   TRP C CG  1 
ATOM   368 C CD1 . TRP C 1 11 ? 4.339   1.731   -6.817  1.00 19.35 ? 11   TRP C CD1 1 
ATOM   369 C CD2 . TRP C 1 11 ? 2.471   0.826   -5.954  1.00 21.62 ? 11   TRP C CD2 1 
ATOM   370 N NE1 . TRP C 1 11 ? 3.359   1.754   -7.807  1.00 19.03 ? 11   TRP C NE1 1 
ATOM   371 C CE2 . TRP C 1 11 ? 2.209   1.209   -7.294  1.00 23.14 ? 11   TRP C CE2 1 
ATOM   372 C CE3 . TRP C 1 11 ? 1.427   0.264   -5.190  1.00 22.44 ? 11   TRP C CE3 1 
ATOM   373 C CZ2 . TRP C 1 11 ? 0.950   1.036   -7.885  1.00 24.67 ? 11   TRP C CZ2 1 
ATOM   374 C CZ3 . TRP C 1 11 ? 0.166   0.104   -5.787  1.00 27.74 ? 11   TRP C CZ3 1 
ATOM   375 C CH2 . TRP C 1 11 ? -0.055  0.495   -7.118  1.00 27.09 ? 11   TRP C CH2 1 
HETATM 376 N N   . DLE C 1 12 ? 7.119   -1.473  -5.061  1.00 8.78  ? 12   DLE C N   1 
HETATM 377 C CA  . DLE C 1 12 ? 8.466   -1.571  -5.697  1.00 9.98  ? 12   DLE C CA  1 
HETATM 378 C CB  . DLE C 1 12 ? 8.370   -2.292  -7.052  1.00 11.06 ? 12   DLE C CB  1 
HETATM 379 C CG  . DLE C 1 12 ? 7.629   -1.533  -8.149  1.00 13.39 ? 12   DLE C CG  1 
HETATM 380 C CD1 . DLE C 1 12 ? 7.464   -2.479  -9.358  1.00 15.16 ? 12   DLE C CD1 1 
HETATM 381 C CD2 . DLE C 1 12 ? 8.446   -0.353  -8.563  1.00 13.67 ? 12   DLE C CD2 1 
HETATM 382 C C   . DLE C 1 12 ? 9.466   -2.322  -4.831  1.00 11.46 ? 12   DLE C C   1 
HETATM 383 O O   . DLE C 1 12 ? 9.115   -3.345  -4.188  1.00 10.70 ? 12   DLE C O   1 
ATOM   384 N N   . TRP C 1 13 ? 10.735  -1.843  -4.813  1.00 10.06 ? 13   TRP C N   1 
ATOM   385 C CA  . TRP C 1 13 ? 11.805  -2.664  -4.234  1.00 10.18 ? 13   TRP C CA  1 
ATOM   386 C C   . TRP C 1 13 ? 12.896  -1.697  -3.900  1.00 9.30  ? 13   TRP C C   1 
ATOM   387 O O   . TRP C 1 13 ? 13.783  -1.413  -4.755  1.00 9.97  ? 13   TRP C O   1 
ATOM   388 C CB  . TRP C 1 13 ? 12.286  -3.734  -5.254  1.00 11.38 ? 13   TRP C CB  1 
ATOM   389 C CG  . TRP C 1 13 ? 13.156  -4.725  -4.534  1.00 13.30 ? 13   TRP C CG  1 
ATOM   390 C CD1 . TRP C 1 13 ? 14.498  -4.685  -4.417  1.00 14.56 ? 13   TRP C CD1 1 
ATOM   391 C CD2 . TRP C 1 13 ? 12.699  -5.863  -3.777  1.00 18.35 ? 13   TRP C CD2 1 
ATOM   392 N NE1 . TRP C 1 13 ? 14.938  -5.754  -3.661  1.00 17.15 ? 13   TRP C NE1 1 
ATOM   393 C CE2 . TRP C 1 13 ? 13.841  -6.463  -3.208  1.00 22.08 ? 13   TRP C CE2 1 
ATOM   394 C CE3 . TRP C 1 13 ? 11.412  -6.392  -3.471  1.00 17.05 ? 13   TRP C CE3 1 
ATOM   395 C CZ2 . TRP C 1 13 ? 13.756  -7.601  -2.343  1.00 20.46 ? 13   TRP C CZ2 1 
ATOM   396 C CZ3 . TRP C 1 13 ? 11.313  -7.560  -2.617  1.00 19.53 ? 13   TRP C CZ3 1 
ATOM   397 C CH2 . TRP C 1 13 ? 12.494  -8.166  -2.113  1.00 21.86 ? 13   TRP C CH2 1 
HETATM 398 N N   . DLE C 1 14 ? 12.837  -1.135  -2.692  1.00 9.78  ? 14   DLE C N   1 
HETATM 399 C CA  . DLE C 1 14 ? 13.936  -0.296  -2.205  1.00 10.26 ? 14   DLE C CA  1 
HETATM 400 C CB  . DLE C 1 14 ? 14.690  -0.994  -1.074  1.00 10.66 ? 14   DLE C CB  1 
HETATM 401 C CG  . DLE C 1 14 ? 15.268  -2.367  -1.443  1.00 12.77 ? 14   DLE C CG  1 
HETATM 402 C CD1 . DLE C 1 14 ? 16.461  -2.272  -2.378  1.00 14.85 ? 14   DLE C CD1 1 
HETATM 403 C CD2 . DLE C 1 14 ? 15.675  -3.148  -0.221  1.00 16.01 ? 14   DLE C CD2 1 
HETATM 404 C C   . DLE C 1 14 ? 13.409  1.017   -1.697  1.00 11.66 ? 14   DLE C C   1 
HETATM 405 O O   . DLE C 1 14 ? 12.427  1.035   -0.947  1.00 11.31 ? 14   DLE C O   1 
ATOM   406 N N   . TRP C 1 15 ? 14.048  2.103   -2.105  1.00 10.61 ? 15   TRP C N   1 
ATOM   407 C CA  . TRP C 1 15 ? 13.634  3.448   -1.650  1.00 12.71 ? 15   TRP C CA  1 
ATOM   408 C C   . TRP C 1 15 ? 14.252  4.502   -2.554  1.00 14.76 ? 15   TRP C C   1 
ATOM   409 O O   . TRP C 1 15 ? 15.439  4.873   -2.388  1.00 16.20 ? 15   TRP C O   1 
ATOM   410 C CB  . TRP C 1 15 ? 14.116  3.643   -0.214  1.00 12.97 ? 15   TRP C CB  1 
ATOM   411 C CG  . TRP C 1 15 ? 13.489  4.862   0.406   1.00 15.45 ? 15   TRP C CG  1 
ATOM   412 C CD1 . TRP C 1 15 ? 14.008  6.145   0.426   1.00 19.67 ? 15   TRP C CD1 1 
ATOM   413 C CD2 . TRP C 1 15 ? 12.196  4.935   1.006   1.00 15.52 ? 15   TRP C CD2 1 
ATOM   414 N NE1 . TRP C 1 15 ? 13.132  6.995   1.106   1.00 21.75 ? 15   TRP C NE1 1 
ATOM   415 C CE2 . TRP C 1 15 ? 12.009  6.285   1.446   1.00 17.73 ? 15   TRP C CE2 1 
ATOM   416 C CE3 . TRP C 1 15 ? 11.190  4.000   1.229   1.00 18.05 ? 15   TRP C CE3 1 
ATOM   417 C CZ2 . TRP C 1 15 ? 10.832  6.704   2.076   1.00 17.94 ? 15   TRP C CZ2 1 
ATOM   418 C CZ3 . TRP C 1 15 ? 10.041  4.412   1.888   1.00 19.87 ? 15   TRP C CZ3 1 
ATOM   419 C CH2 . TRP C 1 15 ? 9.876   5.750   2.294   1.00 17.37 ? 15   TRP C CH2 1 
HETATM 420 C CA  . ETA C 1 16 ? 13.696  5.585   -4.707  1.00 23.62 ? 16   ETA C CA  1 
HETATM 421 N N   . ETA C 1 16 ? 13.363  4.824   -3.495  1.00 17.82 ? 16   ETA C N   1 
HETATM 422 C C   . ETA C 1 16 ? 13.041  4.971   -5.987  1.00 26.46 ? 16   ETA C C   1 
HETATM 423 O O   . ETA C 1 16 ? 13.744  5.646   -7.056  1.00 30.92 ? 16   ETA C O   1 
HETATM 424 C C   . FVA D 1 1  ? 17.124  1.899   -4.613  1.00 13.90 ? 1    FVA D C   1 
HETATM 425 N N   . FVA D 1 1  ? 17.824  3.963   -3.523  1.00 14.15 ? 1    FVA D N   1 
HETATM 426 O O   . FVA D 1 1  ? 15.949  2.121   -4.213  1.00 11.55 ? 1    FVA D O   1 
HETATM 427 C CA  . FVA D 1 1  ? 18.317  2.668   -4.009  1.00 12.25 ? 1    FVA D CA  1 
HETATM 428 C CB  . FVA D 1 1  ? 18.885  1.814   -2.846  1.00 14.29 ? 1    FVA D CB  1 
HETATM 429 C CG1 . FVA D 1 1  ? 20.108  2.493   -2.227  1.00 17.56 ? 1    FVA D CG1 1 
HETATM 430 C CG2 . FVA D 1 1  ? 17.784  1.578   -1.730  1.00 14.37 ? 1    FVA D CG2 1 
HETATM 431 O O1  . FVA D 1 1  ? 19.638  5.055   -4.292  1.00 15.94 ? 1    FVA D O1  1 
HETATM 432 C CN  . FVA D 1 1  ? 18.434  5.090   -3.905  1.00 17.51 ? 1    FVA D CN  1 
ATOM   433 N N   . GLY D 1 2  ? 17.385  1.044   -5.609  1.00 11.24 ? 2    GLY D N   1 
ATOM   434 C CA  . GLY D 1 2  ? 16.271  0.263   -6.244  1.00 9.81  ? 2    GLY D CA  1 
ATOM   435 C C   . GLY D 1 2  ? 15.237  1.177   -6.943  1.00 12.79 ? 2    GLY D C   1 
ATOM   436 O O   . GLY D 1 2  ? 15.615  2.151   -7.608  1.00 11.99 ? 2    GLY D O   1 
ATOM   437 N N   . ALA D 1 3  ? 13.926  0.884   -6.800  1.00 10.77 ? 3    ALA D N   1 
ATOM   438 C CA  . ALA D 1 3  ? 12.884  1.534   -7.527  1.00 11.05 ? 3    ALA D CA  1 
ATOM   439 C C   . ALA D 1 3  ? 11.650  1.538   -6.670  1.00 11.69 ? 3    ALA D C   1 
ATOM   440 O O   . ALA D 1 3  ? 11.319  0.545   -6.077  1.00 12.96 ? 3    ALA D O   1 
ATOM   441 C CB  . ALA D 1 3  ? 12.562  0.743   -8.830  1.00 12.70 ? 3    ALA D CB  1 
HETATM 442 N N   . DLE D 1 4  ? 11.014  2.697   -6.584  1.00 12.60 ? 4    DLE D N   1 
HETATM 443 C CA  . DLE D 1 4  ? 9.757   2.808   -5.815  1.00 13.99 ? 4    DLE D CA  1 
HETATM 444 C CB  . DLE D 1 4  ? 9.117   4.127   -6.196  1.00 13.54 ? 4    DLE D CB  1 
HETATM 445 C CG  . DLE D 1 4  ? 8.170   3.743   -7.331  1.00 22.92 ? 4    DLE D CG  1 
HETATM 446 C CD1 . DLE D 1 4  ? 7.104   4.803   -7.430  1.00 34.12 ? 4    DLE D CD1 1 
HETATM 447 C CD2 . DLE D 1 4  ? 8.928   3.553   -8.653  1.00 32.04 ? 4    DLE D CD2 1 
HETATM 448 C C   . DLE D 1 4  ? 10.065  2.773   -4.315  1.00 14.04 ? 4    DLE D C   1 
HETATM 449 O O   . DLE D 1 4  ? 11.025  3.429   -3.826  1.00 14.57 ? 4    DLE D O   1 
ATOM   450 N N   . ALA D 1 5  ? 9.296   1.971   -3.585  1.00 12.79 ? 5    ALA D N   1 
ATOM   451 C CA  . ALA D 1 5  ? 9.437   1.929   -2.126  1.00 12.91 ? 5    ALA D CA  1 
ATOM   452 C C   . ALA D 1 5  ? 9.068   0.609   -1.499  1.00 12.98 ? 5    ALA D C   1 
ATOM   453 O O   . ALA D 1 5  ? 8.071   -0.033  -1.918  1.00 19.38 ? 5    ALA D O   1 
ATOM   454 C CB  . ALA D 1 5  ? 8.603   3.063   -1.475  1.00 16.96 ? 5    ALA D CB  1 
HETATM 455 N N   . DVA D 1 6  ? 9.884   0.138   -0.574  1.00 10.85 ? 6    DVA D N   1 
HETATM 456 C CA  . DVA D 1 6  ? 9.454   -1.021  0.214   1.00 11.59 ? 6    DVA D CA  1 
HETATM 457 C CB  . DVA D 1 6  ? 10.025  -0.951  1.669   1.00 13.79 ? 6    DVA D CB  1 
HETATM 458 C CG1 . DVA D 1 6  ? 11.531  -1.167  1.681   1.00 13.22 ? 6    DVA D CG1 1 
HETATM 459 C CG2 . DVA D 1 6  ? 9.587   0.372   2.321   1.00 16.66 ? 6    DVA D CG2 1 
HETATM 460 C C   . DVA D 1 6  ? 9.838   -2.344  -0.478  1.00 12.55 ? 6    DVA D C   1 
HETATM 461 O O   . DVA D 1 6  ? 10.872  -2.431  -1.154  1.00 14.91 ? 6    DVA D O   1 
ATOM   462 N N   . VAL D 1 7  ? 9.014   -3.367  -0.289  1.00 10.90 ? 7    VAL D N   1 
ATOM   463 C CA  . VAL D 1 7  ? 9.289   -4.686  -0.852  1.00 11.73 ? 7    VAL D CA  1 
ATOM   464 C C   . VAL D 1 7  ? 7.951   -5.331  -1.224  1.00 12.91 ? 7    VAL D C   1 
ATOM   465 O O   . VAL D 1 7  ? 7.385   -6.128  -0.439  1.00 12.59 ? 7    VAL D O   1 
ATOM   466 C CB  . VAL D 1 7  ? 10.086  -5.599  0.145   1.00 13.85 ? 7    VAL D CB  1 
ATOM   467 C CG1 . VAL D 1 7  ? 11.541  -5.136  0.194   1.00 15.03 ? 7    VAL D CG1 1 
ATOM   468 C CG2 . VAL D 1 7  ? 9.475   -5.561  1.541   1.00 17.27 ? 7    VAL D CG2 1 
HETATM 469 N N   . DVA D 1 8  ? 7.470   -5.018  -2.430  1.00 11.11 ? 8    DVA D N   1 
HETATM 470 C CA  . DVA D 1 8  ? 6.225   -5.624  -2.902  1.00 11.94 ? 8    DVA D CA  1 
HETATM 471 C CB  . DVA D 1 8  ? 6.444   -6.676  -4.025  1.00 14.39 ? 8    DVA D CB  1 
HETATM 472 C CG1 . DVA D 1 8  ? 7.159   -6.057  -5.161  1.00 16.35 ? 8    DVA D CG1 1 
HETATM 473 C CG2 . DVA D 1 8  ? 7.212   -7.923  -3.422  1.00 13.57 ? 8    DVA D CG2 1 
HETATM 474 C C   . DVA D 1 8  ? 5.239   -4.603  -3.374  1.00 11.02 ? 8    DVA D C   1 
HETATM 475 O O   . DVA D 1 8  ? 5.633   -3.525  -3.835  1.00 10.31 ? 8    DVA D O   1 
ATOM   476 N N   . TRP D 1 9  ? 3.950   -4.921  -3.244  1.00 8.53  ? 9    TRP D N   1 
ATOM   477 C CA  . TRP D 1 9  ? 2.878   -4.018  -3.750  1.00 10.19 ? 9    TRP D CA  1 
ATOM   478 C C   . TRP D 1 9  ? 1.742   -4.141  -2.760  1.00 12.16 ? 9    TRP D C   1 
ATOM   479 O O   . TRP D 1 9  ? 1.244   -5.246  -2.529  1.00 13.46 ? 9    TRP D O   1 
ATOM   480 C CB  A TRP D 1 9  ? 2.325   -4.355  -5.137  0.60 12.73 ? 9    TRP D CB  1 
ATOM   481 C CB  B TRP D 1 9  ? 2.468   -4.598  -5.121  0.40 12.61 ? 9    TRP D CB  1 
ATOM   482 C CG  A TRP D 1 9  ? 3.298   -4.394  -6.253  0.60 12.07 ? 9    TRP D CG  1 
ATOM   483 C CG  B TRP D 1 9  ? 1.239   -4.051  -5.798  0.40 13.32 ? 9    TRP D CG  1 
ATOM   484 C CD1 A TRP D 1 9  ? 3.770   -3.330  -6.982  0.60 12.81 ? 9    TRP D CD1 1 
ATOM   485 C CD1 B TRP D 1 9  ? 0.860   -2.754  -5.867  0.40 12.40 ? 9    TRP D CD1 1 
ATOM   486 C CD2 A TRP D 1 9  ? 3.895   -5.566  -6.803  0.60 15.44 ? 9    TRP D CD2 1 
ATOM   487 C CD2 B TRP D 1 9  ? 0.305   -4.783  -6.609  0.40 16.53 ? 9    TRP D CD2 1 
ATOM   488 N NE1 A TRP D 1 9  ? 4.643   -3.779  -7.947  0.60 14.19 ? 9    TRP D NE1 1 
ATOM   489 N NE1 B TRP D 1 9  ? -0.289  -2.626  -6.598  0.40 17.53 ? 9    TRP D NE1 1 
ATOM   490 C CE2 A TRP D 1 9  ? 4.749   -5.146  -7.851  0.60 13.67 ? 9    TRP D CE2 1 
ATOM   491 C CE2 B TRP D 1 9  ? -0.645  -3.853  -7.085  0.40 16.63 ? 9    TRP D CE2 1 
ATOM   492 C CE3 A TRP D 1 9  ? 3.823   -6.938  -6.489  0.60 16.30 ? 9    TRP D CE3 1 
ATOM   493 C CE3 B TRP D 1 9  ? 0.169   -6.129  -6.958  0.40 14.14 ? 9    TRP D CE3 1 
ATOM   494 C CZ2 A TRP D 1 9  ? 5.513   -6.050  -8.600  0.60 15.53 ? 9    TRP D CZ2 1 
ATOM   495 C CZ2 B TRP D 1 9  ? -1.724  -4.223  -7.870  0.40 16.20 ? 9    TRP D CZ2 1 
ATOM   496 C CZ3 A TRP D 1 9  ? 4.563   -7.843  -7.265  0.60 16.81 ? 9    TRP D CZ3 1 
ATOM   497 C CZ3 B TRP D 1 9  ? -0.900  -6.495  -7.736  0.40 16.96 ? 9    TRP D CZ3 1 
ATOM   498 C CH2 A TRP D 1 9  ? 5.408   -7.391  -8.291  0.60 13.04 ? 9    TRP D CH2 1 
ATOM   499 C CH2 B TRP D 1 9  ? -1.830  -5.547  -8.191  0.40 16.49 ? 9    TRP D CH2 1 
HETATM 500 N N   . DLE D 1 10 ? 1.331   -3.007  -2.194  1.00 10.53 ? 10   DLE D N   1 
HETATM 501 C CA  . DLE D 1 10 ? 0.194   -3.034  -1.233  1.00 9.92  ? 10   DLE D CA  1 
HETATM 502 C CB  . DLE D 1 10 ? -0.357  -1.617  -1.025  1.00 9.23  ? 10   DLE D CB  1 
HETATM 503 C CG  . DLE D 1 10 ? -0.909  -1.052  -2.319  1.00 11.33 ? 10   DLE D CG  1 
HETATM 504 C CD1 . DLE D 1 10 ? -2.110  -1.837  -2.745  1.00 15.68 ? 10   DLE D CD1 1 
HETATM 505 C CD2 . DLE D 1 10 ? -1.256  0.441   -2.126  1.00 18.62 ? 10   DLE D CD2 1 
HETATM 506 C C   . DLE D 1 10 ? 0.647   -3.584  0.118   1.00 8.88  ? 10   DLE D C   1 
HETATM 507 O O   . DLE D 1 10 ? 1.683   -3.235  0.576   1.00 9.30  ? 10   DLE D O   1 
ATOM   508 N N   . TRP D 1 11 ? -0.126  -4.488  0.725   1.00 8.23  ? 11   TRP D N   1 
ATOM   509 C CA  . TRP D 1 11 ? 0.283   -5.094  2.011   1.00 8.22  ? 11   TRP D CA  1 
ATOM   510 C C   . TRP D 1 11 ? -0.499  -6.394  2.146   1.00 10.09 ? 11   TRP D C   1 
ATOM   511 O O   . TRP D 1 11 ? -1.768  -6.390  2.198   1.00 10.47 ? 11   TRP D O   1 
ATOM   512 C CB  . TRP D 1 11 ? -0.076  -4.180  3.238   1.00 7.97  ? 11   TRP D CB  1 
ATOM   513 C CG  . TRP D 1 11 ? 0.530   -4.686  4.545   1.00 10.75 ? 11   TRP D CG  1 
ATOM   514 C CD1 . TRP D 1 11 ? 1.756   -5.298  4.699   1.00 14.30 ? 11   TRP D CD1 1 
ATOM   515 C CD2 . TRP D 1 11 ? -0.071  -4.658  5.873   1.00 11.30 ? 11   TRP D CD2 1 
ATOM   516 N NE1 . TRP D 1 11 ? 1.965   -5.632  6.027   1.00 14.07 ? 11   TRP D NE1 1 
ATOM   517 C CE2 . TRP D 1 11 ? 0.871   -5.222  6.768   1.00 12.01 ? 11   TRP D CE2 1 
ATOM   518 C CE3 . TRP D 1 11 ? -1.283  -4.161  6.384   1.00 10.68 ? 11   TRP D CE3 1 
ATOM   519 C CZ2 . TRP D 1 11 ? 0.615   -5.366  8.138   1.00 11.37 ? 11   TRP D CZ2 1 
ATOM   520 C CZ3 . TRP D 1 11 ? -1.540  -4.285  7.758   1.00 12.67 ? 11   TRP D CZ3 1 
ATOM   521 C CH2 . TRP D 1 11 ? -0.597  -4.926  8.613   1.00 14.17 ? 11   TRP D CH2 1 
HETATM 522 N N   . DLE D 1 12 ? 0.246   -7.473  2.283   1.00 10.84 ? 12   DLE D N   1 
HETATM 523 C CA  . DLE D 1 12 ? -0.370  -8.762  2.629   1.00 11.06 ? 12   DLE D CA  1 
HETATM 524 C CB  . DLE D 1 12 ? 0.152   -9.230  3.970   1.00 11.73 ? 12   DLE D CB  1 
HETATM 525 C CG  . DLE D 1 12 ? -0.286  -8.367  5.155   1.00 13.96 ? 12   DLE D CG  1 
HETATM 526 C CD1 . DLE D 1 12 ? -1.804  -8.329  5.390   1.00 16.20 ? 12   DLE D CD1 1 
HETATM 527 C CD2 . DLE D 1 12 ? 0.503   -8.799  6.402   1.00 16.89 ? 12   DLE D CD2 1 
HETATM 528 C C   . DLE D 1 12 ? -0.050  -9.843  1.604   1.00 13.09 ? 12   DLE D C   1 
HETATM 529 O O   . DLE D 1 12 ? 1.096   -9.929  1.057   1.00 11.49 ? 12   DLE D O   1 
ATOM   530 N N   A TRP D 1 13 ? -1.054  -10.661 1.299   0.60 10.89 ? 13   TRP D N   1 
ATOM   531 N N   B TRP D 1 13 ? -1.028  -10.724 1.396   0.40 12.50 ? 13   TRP D N   1 
ATOM   532 C CA  A TRP D 1 13 ? -0.833  -11.781 0.380   0.60 12.04 ? 13   TRP D CA  1 
ATOM   533 C CA  B TRP D 1 13 ? -0.880  -11.810 0.427   0.40 14.13 ? 13   TRP D CA  1 
ATOM   534 C C   A TRP D 1 13 ? -2.165  -12.158 -0.261  0.60 11.34 ? 13   TRP D C   1 
ATOM   535 C C   B TRP D 1 13 ? -2.200  -12.153 -0.253  0.40 12.91 ? 13   TRP D C   1 
ATOM   536 O O   A TRP D 1 13 ? -2.996  -12.891 0.328   0.60 13.71 ? 13   TRP D O   1 
ATOM   537 O O   B TRP D 1 13 ? -3.046  -12.885 0.296   0.40 14.33 ? 13   TRP D O   1 
ATOM   538 C CB  A TRP D 1 13 ? -0.130  -12.956 1.066   0.60 12.96 ? 13   TRP D CB  1 
ATOM   539 C CB  B TRP D 1 13 ? -0.172  -13.034 1.016   0.40 15.15 ? 13   TRP D CB  1 
ATOM   540 C CG  A TRP D 1 13 ? 0.070   -14.208 0.194   0.60 12.12 ? 13   TRP D CG  1 
ATOM   541 C CG  B TRP D 1 13 ? 1.267   -13.088 0.562   0.40 20.99 ? 13   TRP D CG  1 
ATOM   542 C CD1 A TRP D 1 13 ? -0.411  -15.451 0.478   0.60 19.55 ? 13   TRP D CD1 1 
ATOM   543 C CD1 B TRP D 1 13 ? 2.297   -12.313 1.026   0.40 23.59 ? 13   TRP D CD1 1 
ATOM   544 C CD2 A TRP D 1 13 ? 0.747   -14.325 -1.055  0.60 20.87 ? 13   TRP D CD2 1 
ATOM   545 C CD2 B TRP D 1 13 ? 1.807   -13.844 -0.526  0.40 17.13 ? 13   TRP D CD2 1 
ATOM   546 N NE1 A TRP D 1 13 ? -0.030  -16.342 -0.482  0.60 21.97 ? 13   TRP D NE1 1 
ATOM   547 N NE1 B TRP D 1 13 ? 3.450   -12.586 0.333   0.40 25.08 ? 13   TRP D NE1 1 
ATOM   548 C CE2 A TRP D 1 13 ? 0.636   -15.672 -1.464  0.60 16.12 ? 13   TRP D CE2 1 
ATOM   549 C CE2 B TRP D 1 13 ? 3.168   -13.505 -0.638  0.40 21.86 ? 13   TRP D CE2 1 
ATOM   550 C CE3 A TRP D 1 13 ? 1.448   -13.432 -1.874  0.60 21.81 ? 13   TRP D CE3 1 
ATOM   551 C CE3 B TRP D 1 13 ? 1.277   -14.790 -1.404  0.40 22.42 ? 13   TRP D CE3 1 
ATOM   552 C CZ2 A TRP D 1 13 ? 1.201   -16.144 -2.638  0.60 23.39 ? 13   TRP D CZ2 1 
ATOM   553 C CZ2 B TRP D 1 13 ? 4.004   -14.098 -1.564  0.40 17.17 ? 13   TRP D CZ2 1 
ATOM   554 C CZ3 A TRP D 1 13 ? 1.990   -13.903 -3.057  0.60 25.23 ? 13   TRP D CZ3 1 
ATOM   555 C CZ3 B TRP D 1 13 ? 2.108   -15.349 -2.340  0.40 16.58 ? 13   TRP D CZ3 1 
ATOM   556 C CH2 A TRP D 1 13 ? 1.871   -15.246 -3.422  0.60 22.58 ? 13   TRP D CH2 1 
ATOM   557 C CH2 B TRP D 1 13 ? 3.447   -15.003 -2.414  0.40 16.70 ? 13   TRP D CH2 1 
HETATM 558 N N   . DLE D 1 14 ? -2.371  -11.564 -1.430  1.00 11.67 ? 14   DLE D N   1 
HETATM 559 C CA  . DLE D 1 14 ? -3.549  -11.783 -2.286  1.00 13.94 ? 14   DLE D CA  1 
HETATM 560 C CB  . DLE D 1 14 ? -3.160  -11.779 -3.768  1.00 16.06 ? 14   DLE D CB  1 
HETATM 561 C CG  . DLE D 1 14 ? -1.972  -12.689 -4.156  1.00 18.25 ? 14   DLE D CG  1 
HETATM 562 C CD1 . DLE D 1 14 ? -1.699  -12.673 -5.643  1.00 19.26 ? 14   DLE D CD1 1 
HETATM 563 C CD2 . DLE D 1 14 ? -2.147  -14.088 -3.674  1.00 20.14 ? 14   DLE D CD2 1 
HETATM 564 C C   . DLE D 1 14 ? -4.568  -10.687 -2.068  1.00 16.24 ? 14   DLE D C   1 
HETATM 565 O O   . DLE D 1 14 ? -4.241  -9.499  -2.160  1.00 14.89 ? 14   DLE D O   1 
ATOM   566 N N   . TRP D 1 15 ? -5.818  -11.058 -1.792  1.00 13.90 ? 15   TRP D N   1 
ATOM   567 C CA  . TRP D 1 15 ? -6.818  -10.044 -1.575  1.00 15.65 ? 15   TRP D CA  1 
ATOM   568 C C   . TRP D 1 15 ? -7.884  -10.616 -0.670  1.00 15.73 ? 15   TRP D C   1 
ATOM   569 O O   . TRP D 1 15 ? -8.465  -11.651 -1.015  1.00 13.98 ? 15   TRP D O   1 
ATOM   570 C CB  . TRP D 1 15 ? -7.478  -9.645  -2.884  1.00 17.87 ? 15   TRP D CB  1 
ATOM   571 C CG  . TRP D 1 15 ? -8.102  -8.282  -2.817  1.00 24.74 ? 15   TRP D CG  1 
ATOM   572 C CD1 . TRP D 1 15 ? -9.255  -7.919  -2.203  1.00 32.50 ? 15   TRP D CD1 1 
ATOM   573 C CD2 . TRP D 1 15 ? -7.578  -7.097  -3.424  1.00 32.01 ? 15   TRP D CD2 1 
ATOM   574 N NE1 . TRP D 1 15 ? -9.458  -6.560  -2.328  1.00 36.20 ? 15   TRP D NE1 1 
ATOM   575 C CE2 . TRP D 1 15 ? -8.468  -6.044  -3.123  1.00 32.54 ? 15   TRP D CE2 1 
ATOM   576 C CE3 . TRP D 1 15 ? -6.426  -6.826  -4.198  1.00 34.68 ? 15   TRP D CE3 1 
ATOM   577 C CZ2 . TRP D 1 15 ? -8.246  -4.732  -3.562  1.00 36.93 ? 15   TRP D CZ2 1 
ATOM   578 C CZ3 . TRP D 1 15 ? -6.205  -5.511  -4.646  1.00 36.81 ? 15   TRP D CZ3 1 
ATOM   579 C CH2 . TRP D 1 15 ? -7.107  -4.483  -4.313  1.00 34.85 ? 15   TRP D CH2 1 
HETATM 580 C CA  A ETA D 1 16 ? -8.913  -10.800 1.592   0.50 16.20 ? 16   ETA D CA  1 
HETATM 581 C CA  B ETA D 1 16 ? -8.560  -10.488 1.751   0.50 16.15 ? 16   ETA D CA  1 
HETATM 582 N N   A ETA D 1 16 ? -8.011  -10.230 0.597   0.50 14.28 ? 16   ETA D N   1 
HETATM 583 N N   B ETA D 1 16 ? -8.000  -10.008 0.498   0.50 14.46 ? 16   ETA D N   1 
HETATM 584 C C   A ETA D 1 16 ? -9.952  -9.791  2.110   0.50 16.66 ? 16   ETA D C   1 
HETATM 585 C C   B ETA D 1 16 ? -9.789  -9.676  2.196   0.50 17.33 ? 16   ETA D C   1 
HETATM 586 O O   A ETA D 1 16 ? -10.495 -9.125  0.928   0.50 15.92 ? 16   ETA D O   1 
HETATM 587 O O   B ETA D 1 16 ? -10.939 -10.329 1.582   0.50 18.68 ? 16   ETA D O   1 
HETATM 588 C C17 . MVC E 2 .  ? 1.890   -7.393  -10.019 1.00 53.73 ? 1016 MVC C C17 1 
HETATM 589 C C9  . MVC E 2 .  ? 5.238   -12.362 -6.090  1.00 38.65 ? 1016 MVC C C9  1 
HETATM 590 C C8  . MVC E 2 .  ? 6.520   -12.115 -6.892  1.00 29.30 ? 1016 MVC C C8  1 
HETATM 591 C C16 . MVC E 2 .  ? 1.355   -8.414  -9.018  1.00 52.75 ? 1016 MVC C C16 1 
HETATM 592 C C10 . MVC E 2 .  ? 4.219   -13.221 -6.838  1.00 41.87 ? 1016 MVC C C10 1 
HETATM 593 C C7  . MVC E 2 .  ? 7.222   -10.824 -6.507  1.00 33.22 ? 1016 MVC C C7  1 
HETATM 594 C C24 . MVC E 2 .  ? 15.250  -8.088  -7.428  1.00 29.20 ? 1016 MVC C C24 1 
HETATM 595 C C15 . MVC E 2 .  ? 1.806   -9.835  -9.364  1.00 49.61 ? 1016 MVC C C15 1 
HETATM 596 C C11 . MVC E 2 .  ? 2.865   -12.494 -7.025  1.00 46.43 ? 1016 MVC C C11 1 
HETATM 597 C C6  . MVC E 2 .  ? 8.716   -10.798 -6.887  1.00 27.72 ? 1016 MVC C C6  1 
HETATM 598 C C14 . MVC E 2 .  ? 0.885   -10.857 -8.691  1.00 49.79 ? 1016 MVC C C14 1 
HETATM 599 C C12 . MVC E 2 .  ? 2.170   -12.932 -8.166  1.00 50.51 ? 1016 MVC C C12 1 
HETATM 600 C C5  . MVC E 2 .  ? 9.706   -10.185 -5.872  1.00 28.94 ? 1016 MVC C C5  1 
HETATM 601 C C13 . MVC E 2 .  ? 1.275   -12.172 -8.950  1.00 50.42 ? 1016 MVC C C13 1 
HETATM 602 C C4  . MVC E 2 .  ? 10.998  -9.847  -6.612  1.00 27.55 ? 1016 MVC C C4  1 
HETATM 603 C C3  . MVC E 2 .  ? 12.072  -9.032  -5.822  1.00 29.19 ? 1016 MVC C C3  1 
HETATM 604 C C21 . MVC E 2 .  ? 17.029  -8.044  -5.778  1.00 30.54 ? 1016 MVC C C21 1 
HETATM 605 C C22 . MVC E 2 .  ? 16.416  -7.245  -6.925  1.00 31.77 ? 1016 MVC C C22 1 
HETATM 606 O O19 . MVC E 2 .  ? 13.342  -9.543  -7.712  1.00 25.92 ? 1016 MVC C O19 1 
HETATM 607 C C1  . MVC E 2 .  ? 13.403  -9.150  -6.548  1.00 28.52 ? 1016 MVC C C1  1 
HETATM 608 O O25 . MVC E 2 .  ? 14.270  -8.004  -6.464  1.00 25.97 ? 1016 MVC C O25 1 
HETATM 609 O O23 . MVC E 2 .  ? 17.358  -7.043  -7.986  1.00 36.43 ? 1016 MVC C O23 1 
HETATM 610 O O20 . MVC E 2 .  ? 18.082  -7.253  -5.181  1.00 39.63 ? 1016 MVC C O20 1 
HETATM 611 C C24 . MVC F 2 .  ? 5.034   0.757   -10.324 1.00 33.14 ? 1017 MVC C C24 1 
HETATM 612 C C5  . MVC F 2 .  ? 0.254   -2.942  -10.849 1.00 41.53 ? 1017 MVC C C5  1 
HETATM 613 C C4  . MVC F 2 .  ? 1.517   -2.503  -10.071 1.00 38.80 ? 1017 MVC C C4  1 
HETATM 614 C C3  . MVC F 2 .  ? 2.269   -1.445  -10.875 1.00 35.11 ? 1017 MVC C C3  1 
HETATM 615 C C21 . MVC F 2 .  ? 6.342   2.564   -11.473 1.00 34.30 ? 1017 MVC C C21 1 
HETATM 616 C C22 . MVC F 2 .  ? 5.349   2.233   -10.399 1.00 34.97 ? 1017 MVC C C22 1 
HETATM 617 O O19 . MVC F 2 .  ? 4.393   -1.505  -9.832  1.00 35.84 ? 1017 MVC C O19 1 
HETATM 618 C C1  . MVC F 2 .  ? 3.412   -0.791  -10.104 1.00 35.30 ? 1017 MVC C C1  1 
HETATM 619 O O25 . MVC F 2 .  ? 3.856   0.359   -10.861 1.00 33.10 ? 1017 MVC C O25 1 
HETATM 620 O O23 . MVC F 2 .  ? 4.151   2.996   -10.457 1.00 34.55 ? 1017 MVC C O23 1 
HETATM 621 O O20 . MVC F 2 .  ? 6.712   3.927   -11.276 1.00 40.48 ? 1017 MVC C O20 1 
HETATM 622 C C24 . MVC G 2 .  ? -3.878  -18.151 -4.336  1.00 51.91 ? 1018 MVC C C24 1 
HETATM 623 C C4  . MVC G 2 .  ? -4.543  -15.253 -8.005  1.00 49.16 ? 1018 MVC C C4  1 
HETATM 624 C C3  . MVC G 2 .  ? -3.511  -16.232 -7.445  1.00 48.69 ? 1018 MVC C C3  1 
HETATM 625 C C21 . MVC G 2 .  ? -4.306  -17.575 -1.886  1.00 50.52 ? 1018 MVC C C21 1 
HETATM 626 C C22 . MVC G 2 .  ? -3.254  -17.772 -2.975  1.00 51.99 ? 1018 MVC C C22 1 
HETATM 627 O O19 . MVC G 2 .  ? -4.343  -18.202 -7.171  1.00 47.69 ? 1018 MVC C O19 1 
HETATM 628 C C1  . MVC G 2 .  ? -4.167  -17.210 -6.475  1.00 48.26 ? 1018 MVC C C1  1 
HETATM 629 O O25 . MVC G 2 .  ? -3.261  -17.609 -5.429  1.00 49.75 ? 1018 MVC C O25 1 
HETATM 630 O O23 . MVC G 2 .  ? -2.317  -18.753 -2.514  1.00 57.31 ? 1018 MVC C O23 1 
HETATM 631 O O20 . MVC G 2 .  ? -4.007  -16.368 -1.161  1.00 54.32 ? 1018 MVC C O20 1 
HETATM 632 O O   . HOH H 3 .  ? -6.957  -22.593 -0.425  1.00 30.00 ? 2001 HOH C O   1 
HETATM 633 O O   . HOH H 3 .  ? 17.775  -6.237  -3.052  1.00 30.10 ? 2002 HOH C O   1 
# 
